data_6J9V
#
_entry.id   6J9V
#
_cell.length_a   62.416
_cell.length_b   120.948
_cell.length_c   154.097
_cell.angle_alpha   90.00
_cell.angle_beta   90.00
_cell.angle_gamma   90.00
#
_symmetry.space_group_name_H-M   'P 21 21 21'
#
loop_
_entity.id
_entity.type
_entity.pdbx_description
1 polymer 'Glycerol kinase'
2 non-polymer "ADENOSINE-5'-DIPHOSPHATE"
3 non-polymer GLYCEROL
4 water water
#
_entity_poly.entity_id   1
_entity_poly.type   'polypeptide(L)'
_entity_poly.pdbx_seq_one_letter_code
;GIDPFTMKYVGSIDQGTTSTRFIIFDERQRPVSVHQVPHTQHTPHPGWLEHDPMEIFRSACKCMSVAIAKLRQKDASFRK
IEAIGITNQRETTVAWDRVTKEPLCYAPVWNDLRTYDITKKVTAELGGGDSMFASKITGLPVSTYFAAFKMRWMLENVPA
VADACRRGTLCFGTIDTWLMYKLSGGKAFVTDVTNASRTFLMDLRTRKWSPELCEKLKIPMETLPEIRSNSELFGYVETD
ECGVAAALNERTPIMGSIGDQQSALFGNMCFEKGEAKNTYGTGCFLLMNVGEEARFSKHGLLSTVGFQVGRDGPCYYALE
GAIACAGATVEWMRRNMNLFSHITECEKLARSVPGTQGIVFVPAFSGLLAPYWDPSARGTIVGMTLKTTRAHVIRAALQA
IALQLNDVVGSMKRDAGLNLSSLRVDGGLSKNGLLMEIQASLLGVDILVPSMHETTALGAALCAGLAAGVWTSLEEVKAV
SRRENSWKTVSPSGSAMEREAMIAEWREALKRTKWAKL
;
_entity_poly.pdbx_strand_id   A,B
#
loop_
_chem_comp.id
_chem_comp.type
_chem_comp.name
_chem_comp.formula
ADP non-polymer ADENOSINE-5'-DIPHOSPHATE 'C10 H15 N5 O10 P2'
GOL non-polymer GLYCEROL 'C3 H8 O3'
#
# COMPACT_ATOMS: atom_id res chain seq x y z
N PHE A 5 -55.22 14.73 18.96
CA PHE A 5 -56.15 13.57 19.12
C PHE A 5 -55.29 12.38 19.65
N THR A 6 -55.53 11.18 19.10
CA THR A 6 -54.63 10.02 19.04
C THR A 6 -53.18 10.19 18.45
N MET A 7 -52.31 9.22 18.76
CA MET A 7 -50.96 9.05 18.14
C MET A 7 -51.03 9.04 16.60
N LYS A 8 -50.15 9.77 15.93
CA LYS A 8 -50.11 9.75 14.47
C LYS A 8 -48.87 8.98 13.99
N TYR A 9 -49.03 8.40 12.82
CA TYR A 9 -48.04 7.56 12.19
C TYR A 9 -47.90 7.91 10.72
N VAL A 10 -46.68 8.06 10.25
CA VAL A 10 -46.39 8.31 8.84
C VAL A 10 -45.57 7.11 8.35
N GLY A 11 -45.80 6.71 7.12
CA GLY A 11 -45.10 5.57 6.55
C GLY A 11 -44.13 6.01 5.47
N SER A 12 -43.06 5.26 5.27
CA SER A 12 -42.03 5.61 4.32
C SER A 12 -41.57 4.40 3.55
N ILE A 13 -41.75 4.47 2.24
CA ILE A 13 -41.24 3.53 1.35
C ILE A 13 -39.85 3.99 0.89
N ASP A 14 -38.84 3.18 1.19
CA ASP A 14 -37.43 3.48 0.82
C ASP A 14 -36.93 2.46 -0.22
N GLN A 15 -36.99 2.83 -1.51
CA GLN A 15 -36.81 1.90 -2.58
C GLN A 15 -35.36 2.07 -3.02
N GLY A 16 -34.48 1.22 -2.52
CA GLY A 16 -33.06 1.31 -2.91
C GLY A 16 -32.67 0.45 -4.12
N THR A 17 -31.38 0.44 -4.37
CA THR A 17 -30.78 -0.29 -5.44
C THR A 17 -30.90 -1.76 -5.23
N THR A 18 -30.69 -2.23 -4.00
CA THR A 18 -30.70 -3.66 -3.69
C THR A 18 -31.89 -4.16 -2.88
N SER A 19 -32.63 -3.29 -2.19
CA SER A 19 -33.89 -3.67 -1.57
C SER A 19 -34.82 -2.49 -1.36
N THR A 20 -36.01 -2.82 -0.87
CA THR A 20 -37.08 -1.90 -0.54
C THR A 20 -37.46 -2.12 0.96
N ARG A 21 -37.55 -1.02 1.73
CA ARG A 21 -38.05 -1.01 3.11
C ARG A 21 -39.37 -0.26 3.19
N PHE A 22 -40.21 -0.66 4.11
CA PHE A 22 -41.23 0.22 4.59
C PHE A 22 -40.93 0.46 6.07
N ILE A 23 -40.70 1.74 6.41
CA ILE A 23 -40.59 2.20 7.80
C ILE A 23 -41.79 3.06 8.20
N ILE A 24 -42.45 2.65 9.25
CA ILE A 24 -43.47 3.45 9.87
C ILE A 24 -42.86 4.24 11.00
N PHE A 25 -43.02 5.56 10.93
CA PHE A 25 -42.59 6.49 11.98
C PHE A 25 -43.80 7.01 12.80
N ASP A 26 -43.65 7.13 14.12
CA ASP A 26 -44.64 7.89 14.92
C ASP A 26 -44.35 9.38 14.95
N GLU A 27 -45.20 10.14 15.64
CA GLU A 27 -45.07 11.61 15.70
C GLU A 27 -43.79 12.12 16.37
N ARG A 28 -43.09 11.26 17.10
CA ARG A 28 -41.78 11.58 17.69
C ARG A 28 -40.59 11.35 16.77
N GLN A 29 -40.87 11.03 15.52
CA GLN A 29 -39.88 10.65 14.52
C GLN A 29 -39.09 9.39 14.91
N ARG A 30 -39.78 8.47 15.58
CA ARG A 30 -39.25 7.18 15.98
C ARG A 30 -39.70 6.13 14.98
N PRO A 31 -38.77 5.34 14.44
CA PRO A 31 -39.16 4.21 13.66
C PRO A 31 -39.65 3.13 14.62
N VAL A 32 -40.90 2.74 14.44
CA VAL A 32 -41.56 1.75 15.28
C VAL A 32 -41.89 0.44 14.58
N SER A 33 -41.74 0.39 13.25
CA SER A 33 -41.87 -0.84 12.51
C SER A 33 -41.18 -0.71 11.17
N VAL A 34 -40.49 -1.80 10.81
CA VAL A 34 -39.57 -1.86 9.71
C VAL A 34 -39.71 -3.23 9.02
N HIS A 35 -39.77 -3.24 7.70
CA HIS A 35 -39.55 -4.48 6.99
C HIS A 35 -38.89 -4.20 5.70
N GLN A 36 -38.11 -5.19 5.27
CA GLN A 36 -37.26 -5.12 4.09
C GLN A 36 -37.42 -6.35 3.17
N VAL A 37 -37.46 -6.11 1.87
CA VAL A 37 -37.65 -7.16 0.89
C VAL A 37 -36.73 -6.81 -0.31
N PRO A 38 -35.84 -7.76 -0.70
CA PRO A 38 -34.94 -7.58 -1.86
C PRO A 38 -35.60 -7.78 -3.23
N HIS A 39 -34.92 -7.33 -4.27
CA HIS A 39 -35.41 -7.54 -5.64
C HIS A 39 -34.21 -7.92 -6.47
N THR A 40 -34.47 -8.65 -7.56
CA THR A 40 -33.47 -9.31 -8.32
C THR A 40 -32.66 -8.29 -9.14
N GLN A 41 -31.33 -8.47 -9.07
CA GLN A 41 -30.30 -7.77 -9.83
C GLN A 41 -29.92 -8.54 -11.17
N HIS A 42 -30.50 -8.15 -12.28
CA HIS A 42 -30.25 -8.83 -13.56
C HIS A 42 -29.07 -8.15 -14.24
N THR A 43 -28.01 -8.91 -14.53
CA THR A 43 -26.90 -8.39 -15.34
C THR A 43 -26.74 -9.09 -16.73
N PRO A 44 -27.48 -8.65 -17.78
CA PRO A 44 -27.35 -9.31 -19.12
C PRO A 44 -25.95 -9.30 -19.77
N HIS A 45 -25.24 -8.19 -19.71
CA HIS A 45 -23.83 -8.10 -20.16
C HIS A 45 -23.01 -7.38 -19.09
N PRO A 46 -21.67 -7.47 -19.17
CA PRO A 46 -20.86 -6.76 -18.16
C PRO A 46 -21.12 -5.27 -18.17
N GLY A 47 -21.13 -4.65 -17.00
CA GLY A 47 -21.46 -3.23 -16.86
C GLY A 47 -22.92 -2.86 -16.98
N TRP A 48 -23.80 -3.83 -17.30
CA TRP A 48 -25.22 -3.60 -17.43
C TRP A 48 -25.86 -4.01 -16.10
N LEU A 49 -26.89 -3.29 -15.70
CA LEU A 49 -27.69 -3.67 -14.54
C LEU A 49 -29.07 -3.08 -14.73
N GLU A 50 -30.04 -3.90 -14.36
CA GLU A 50 -31.43 -3.75 -14.76
C GLU A 50 -32.27 -4.23 -13.58
N HIS A 51 -33.43 -3.62 -13.34
CA HIS A 51 -34.36 -4.11 -12.29
C HIS A 51 -35.72 -4.39 -12.86
N ASP A 52 -36.37 -5.42 -12.33
CA ASP A 52 -37.69 -5.80 -12.75
C ASP A 52 -38.67 -4.88 -12.03
N PRO A 53 -39.33 -3.96 -12.77
CA PRO A 53 -40.17 -2.97 -12.09
C PRO A 53 -41.40 -3.50 -11.39
N MET A 54 -41.87 -4.65 -11.80
CA MET A 54 -43.02 -5.26 -11.16
C MET A 54 -42.60 -5.93 -9.88
N GLU A 55 -41.43 -6.53 -9.88
CA GLU A 55 -40.83 -7.07 -8.66
C GLU A 55 -40.60 -5.94 -7.59
N ILE A 56 -40.22 -4.76 -8.06
CA ILE A 56 -40.00 -3.65 -7.19
C ILE A 56 -41.32 -3.23 -6.57
N PHE A 57 -42.36 -3.09 -7.40
CA PHE A 57 -43.67 -2.71 -6.93
C PHE A 57 -44.21 -3.67 -5.88
N ARG A 58 -43.95 -4.95 -6.08
CA ARG A 58 -44.50 -6.00 -5.21
C ARG A 58 -43.75 -6.00 -3.89
N SER A 59 -42.46 -5.76 -3.94
CA SER A 59 -41.63 -5.69 -2.78
C SER A 59 -42.16 -4.60 -1.88
N ALA A 60 -42.31 -3.41 -2.42
CA ALA A 60 -42.86 -2.28 -1.71
C ALA A 60 -44.16 -2.68 -1.01
N CYS A 61 -45.04 -3.38 -1.74
CA CYS A 61 -46.35 -3.75 -1.24
C CYS A 61 -46.23 -4.82 -0.15
N LYS A 62 -45.33 -5.78 -0.31
CA LYS A 62 -45.16 -6.80 0.70
C LYS A 62 -44.60 -6.12 1.98
N CYS A 63 -43.56 -5.30 1.81
CA CYS A 63 -42.99 -4.44 2.87
C CYS A 63 -44.02 -3.74 3.74
N MET A 64 -44.97 -3.11 3.07
CA MET A 64 -46.02 -2.39 3.72
C MET A 64 -46.89 -3.26 4.59
N SER A 65 -47.41 -4.34 4.01
CA SER A 65 -48.33 -5.24 4.71
C SER A 65 -47.73 -5.87 5.92
N VAL A 66 -46.48 -6.30 5.80
CA VAL A 66 -45.77 -6.95 6.89
C VAL A 66 -45.46 -5.95 8.03
N ALA A 67 -44.91 -4.79 7.68
CA ALA A 67 -44.57 -3.73 8.65
C ALA A 67 -45.78 -3.26 9.44
N ILE A 68 -46.90 -3.07 8.73
CA ILE A 68 -48.16 -2.65 9.34
C ILE A 68 -48.67 -3.76 10.24
N ALA A 69 -48.71 -4.99 9.71
CA ALA A 69 -49.16 -6.14 10.50
C ALA A 69 -48.32 -6.40 11.76
N LYS A 70 -47.00 -6.25 11.69
CA LYS A 70 -46.14 -6.28 12.90
C LYS A 70 -46.52 -5.18 13.88
N LEU A 71 -46.79 -3.98 13.37
CA LEU A 71 -47.08 -2.81 14.22
C LEU A 71 -48.40 -2.99 14.98
N ARG A 72 -49.40 -3.57 14.33
CA ARG A 72 -50.65 -3.81 15.03
C ARG A 72 -50.49 -4.74 16.23
N GLN A 73 -49.54 -5.65 16.15
CA GLN A 73 -49.26 -6.63 17.18
C GLN A 73 -48.56 -5.98 18.35
N LYS A 74 -47.64 -5.05 18.07
CA LYS A 74 -46.73 -4.48 19.08
C LYS A 74 -47.12 -3.10 19.66
N ASP A 75 -48.30 -2.59 19.30
CA ASP A 75 -48.67 -1.16 19.54
C ASP A 75 -50.19 -1.04 19.41
N ALA A 76 -50.83 -1.00 20.56
CA ALA A 76 -52.29 -1.04 20.63
C ALA A 76 -52.89 0.33 20.29
N SER A 77 -52.07 1.38 20.24
CA SER A 77 -52.50 2.72 19.85
C SER A 77 -52.39 3.01 18.35
N PHE A 78 -51.88 2.07 17.58
CA PHE A 78 -51.79 2.27 16.12
C PHE A 78 -53.09 1.89 15.43
N ARG A 79 -53.74 2.89 14.83
CA ARG A 79 -55.00 2.75 14.07
C ARG A 79 -54.76 2.77 12.54
N LYS A 80 -54.13 3.82 12.02
CA LYS A 80 -53.81 3.91 10.61
C LYS A 80 -52.56 4.76 10.40
N ILE A 81 -52.13 4.78 9.16
CA ILE A 81 -51.04 5.59 8.69
C ILE A 81 -51.66 6.82 8.10
N GLU A 82 -51.18 7.99 8.52
CA GLU A 82 -51.78 9.24 8.12
C GLU A 82 -51.43 9.56 6.67
N ALA A 83 -50.23 9.20 6.24
CA ALA A 83 -49.82 9.36 4.86
C ALA A 83 -48.53 8.66 4.63
N ILE A 84 -48.20 8.47 3.36
CA ILE A 84 -47.05 7.73 2.94
C ILE A 84 -46.13 8.62 2.18
N GLY A 85 -44.84 8.51 2.45
CA GLY A 85 -43.78 9.21 1.68
C GLY A 85 -43.03 8.14 0.90
N ILE A 86 -42.44 8.53 -0.22
CA ILE A 86 -41.65 7.67 -1.08
C ILE A 86 -40.28 8.30 -1.23
N THR A 87 -39.24 7.49 -1.03
CA THR A 87 -37.90 7.91 -1.43
C THR A 87 -37.28 6.76 -2.24
N ASN A 88 -36.40 7.10 -3.18
CA ASN A 88 -35.97 6.12 -4.16
C ASN A 88 -34.54 6.29 -4.67
N GLN A 89 -33.91 5.18 -5.02
CA GLN A 89 -32.76 5.18 -5.89
C GLN A 89 -33.13 6.04 -7.12
N ARG A 90 -32.31 7.03 -7.40
CA ARG A 90 -32.60 8.03 -8.38
C ARG A 90 -32.10 7.53 -9.70
N GLU A 91 -32.57 8.14 -10.79
CA GLU A 91 -31.99 7.94 -12.11
C GLU A 91 -32.48 6.69 -12.81
N THR A 92 -32.63 5.60 -12.06
CA THR A 92 -33.16 4.40 -12.59
C THR A 92 -34.47 4.68 -13.36
N THR A 93 -34.58 4.17 -14.58
CA THR A 93 -35.67 4.60 -15.49
C THR A 93 -36.57 3.45 -15.91
N VAL A 94 -37.87 3.63 -15.71
CA VAL A 94 -38.88 2.64 -16.13
C VAL A 94 -39.63 3.11 -17.39
N ALA A 95 -39.81 2.20 -18.33
CA ALA A 95 -40.73 2.43 -19.44
C ALA A 95 -41.92 1.53 -19.26
N TRP A 96 -43.11 2.08 -19.37
CA TRP A 96 -44.30 1.23 -19.25
C TRP A 96 -45.45 1.72 -20.12
N ASP A 97 -46.41 0.83 -20.35
CA ASP A 97 -47.54 1.16 -21.21
C ASP A 97 -48.72 1.69 -20.43
N ARG A 98 -49.22 2.87 -20.81
CA ARG A 98 -50.38 3.47 -20.14
C ARG A 98 -51.70 2.68 -20.28
N VAL A 99 -51.75 1.64 -21.15
CA VAL A 99 -52.95 0.78 -21.27
C VAL A 99 -52.77 -0.62 -20.64
N THR A 100 -51.68 -1.32 -20.89
CA THR A 100 -51.39 -2.54 -20.14
C THR A 100 -51.00 -2.27 -18.67
N LYS A 101 -50.47 -1.07 -18.39
CA LYS A 101 -50.02 -0.66 -17.05
C LYS A 101 -48.83 -1.51 -16.56
N GLU A 102 -48.09 -2.07 -17.50
CA GLU A 102 -47.04 -3.04 -17.25
C GLU A 102 -45.81 -2.40 -17.89
N PRO A 103 -44.60 -2.83 -17.49
CA PRO A 103 -43.40 -2.36 -18.20
C PRO A 103 -43.16 -2.99 -19.58
N LEU A 104 -42.46 -2.24 -20.43
CA LEU A 104 -42.05 -2.72 -21.74
C LEU A 104 -40.72 -3.41 -21.68
N CYS A 105 -39.96 -3.18 -20.62
CA CYS A 105 -38.73 -3.91 -20.39
C CYS A 105 -38.34 -3.66 -18.97
N TYR A 106 -37.28 -4.34 -18.57
CA TYR A 106 -36.63 -4.06 -17.33
C TYR A 106 -36.07 -2.62 -17.33
N ALA A 107 -35.72 -2.15 -16.15
CA ALA A 107 -35.42 -0.74 -15.96
C ALA A 107 -33.93 -0.58 -15.74
N PRO A 108 -33.21 0.03 -16.71
CA PRO A 108 -31.78 0.19 -16.44
C PRO A 108 -31.55 1.09 -15.22
N VAL A 109 -30.58 0.68 -14.42
CA VAL A 109 -30.32 1.22 -13.10
C VAL A 109 -29.32 2.39 -13.22
N TRP A 110 -29.38 3.28 -12.23
CA TRP A 110 -28.44 4.40 -12.18
C TRP A 110 -26.96 4.14 -12.56
N ASN A 111 -26.36 3.05 -12.11
CA ASN A 111 -24.93 2.79 -12.38
C ASN A 111 -24.71 1.93 -13.65
N ASP A 112 -25.80 1.69 -14.39
CA ASP A 112 -25.75 0.97 -15.63
C ASP A 112 -24.91 1.70 -16.65
N LEU A 113 -24.13 0.94 -17.41
CA LEU A 113 -23.18 1.50 -18.37
C LEU A 113 -23.57 1.35 -19.85
N ARG A 114 -24.75 0.79 -20.14
CA ARG A 114 -25.10 0.52 -21.55
C ARG A 114 -25.30 1.79 -22.38
N THR A 115 -25.55 2.91 -21.69
CA THR A 115 -25.68 4.22 -22.29
C THR A 115 -24.35 4.91 -22.69
N TYR A 116 -23.22 4.22 -22.53
CA TYR A 116 -21.88 4.77 -22.82
C TYR A 116 -21.76 5.38 -24.20
N ASP A 117 -22.11 4.62 -25.26
CA ASP A 117 -22.03 5.11 -26.66
C ASP A 117 -22.96 6.32 -26.91
N ILE A 118 -24.19 6.25 -26.42
CA ILE A 118 -25.08 7.41 -26.49
C ILE A 118 -24.47 8.63 -25.79
N THR A 119 -23.67 8.38 -24.78
CA THR A 119 -23.04 9.46 -24.04
C THR A 119 -21.94 10.17 -24.85
N LYS A 120 -21.13 9.39 -25.56
CA LYS A 120 -20.05 9.93 -26.40
C LYS A 120 -20.62 10.69 -27.61
N LYS A 121 -21.63 10.09 -28.26
CA LYS A 121 -22.39 10.71 -29.35
C LYS A 121 -22.94 12.09 -28.90
N VAL A 122 -23.56 12.15 -27.72
CA VAL A 122 -24.21 13.40 -27.30
C VAL A 122 -23.18 14.51 -27.07
N THR A 123 -22.07 14.14 -26.48
CA THR A 123 -21.01 15.08 -26.22
C THR A 123 -20.48 15.63 -27.54
N ALA A 124 -20.06 14.73 -28.44
CA ALA A 124 -19.47 15.15 -29.72
C ALA A 124 -20.48 15.88 -30.61
N GLU A 125 -21.65 15.30 -30.82
CA GLU A 125 -22.60 15.85 -31.79
C GLU A 125 -23.49 16.94 -31.27
N LEU A 126 -23.96 16.84 -30.05
CA LEU A 126 -24.79 17.92 -29.46
C LEU A 126 -23.99 19.01 -28.73
N GLY A 127 -22.78 18.71 -28.25
CA GLY A 127 -22.02 19.67 -27.43
C GLY A 127 -20.66 20.08 -27.98
N GLY A 128 -20.34 19.69 -29.21
CA GLY A 128 -19.08 20.03 -29.88
C GLY A 128 -17.85 19.45 -29.20
N GLY A 129 -18.04 18.38 -28.42
CA GLY A 129 -16.97 17.86 -27.56
C GLY A 129 -16.91 18.39 -26.13
N ASP A 130 -17.88 19.23 -25.76
CA ASP A 130 -18.03 19.70 -24.39
C ASP A 130 -19.12 18.92 -23.61
N SER A 131 -18.69 18.11 -22.62
CA SER A 131 -19.65 17.33 -21.77
C SER A 131 -20.54 18.22 -20.84
N MET A 132 -20.10 19.46 -20.65
CA MET A 132 -20.74 20.44 -19.80
C MET A 132 -21.66 21.41 -20.55
N PHE A 133 -21.95 21.14 -21.80
CA PHE A 133 -22.68 22.09 -22.64
C PHE A 133 -24.08 22.42 -22.16
N ALA A 134 -24.74 21.48 -21.47
CA ALA A 134 -26.12 21.71 -20.97
C ALA A 134 -26.18 22.02 -19.49
N SER A 135 -25.03 22.14 -18.87
CA SER A 135 -24.93 22.23 -17.44
C SER A 135 -25.45 23.52 -16.83
N LYS A 136 -25.72 24.54 -17.62
CA LYS A 136 -26.35 25.75 -17.05
C LYS A 136 -27.86 25.68 -17.14
N ILE A 137 -28.35 24.69 -17.85
CA ILE A 137 -29.77 24.38 -17.84
C ILE A 137 -30.07 23.33 -16.74
N THR A 138 -29.39 22.19 -16.84
CA THR A 138 -29.62 21.03 -15.94
C THR A 138 -28.82 20.98 -14.64
N GLY A 139 -27.68 21.68 -14.59
CA GLY A 139 -26.72 21.56 -13.48
C GLY A 139 -25.95 20.26 -13.52
N LEU A 140 -25.95 19.60 -14.68
CA LEU A 140 -25.41 18.27 -14.82
C LEU A 140 -24.56 18.20 -16.03
N PRO A 141 -23.56 17.33 -16.02
CA PRO A 141 -22.81 17.00 -17.19
C PRO A 141 -23.40 15.78 -17.84
N VAL A 142 -23.02 15.60 -19.10
CA VAL A 142 -23.43 14.43 -19.86
C VAL A 142 -22.75 13.20 -19.24
N SER A 143 -23.57 12.26 -18.77
CA SER A 143 -23.08 11.06 -18.09
C SER A 143 -24.04 9.91 -18.24
N THR A 144 -23.50 8.71 -18.11
CA THR A 144 -24.25 7.49 -18.18
C THR A 144 -25.30 7.39 -17.09
N TYR A 145 -25.19 8.19 -16.02
CA TYR A 145 -26.21 8.14 -14.93
C TYR A 145 -27.61 8.64 -15.31
N PHE A 146 -27.71 9.71 -16.11
CA PHE A 146 -28.95 10.49 -16.07
C PHE A 146 -30.08 9.91 -16.93
N ALA A 147 -31.31 10.13 -16.48
CA ALA A 147 -32.46 9.38 -16.99
C ALA A 147 -32.66 9.51 -18.53
N ALA A 148 -32.37 10.68 -19.09
CA ALA A 148 -32.63 10.94 -20.52
C ALA A 148 -31.85 10.00 -21.45
N PHE A 149 -30.59 9.76 -21.14
CA PHE A 149 -29.76 8.84 -21.90
C PHE A 149 -30.24 7.35 -21.82
N LYS A 150 -30.97 7.02 -20.74
CA LYS A 150 -31.59 5.68 -20.55
C LYS A 150 -32.88 5.56 -21.38
N MET A 151 -33.69 6.61 -21.40
CA MET A 151 -34.84 6.70 -22.30
C MET A 151 -34.33 6.57 -23.73
N ARG A 152 -33.41 7.45 -24.06
CA ARG A 152 -32.88 7.46 -25.40
C ARG A 152 -32.46 6.07 -25.78
N TRP A 153 -31.80 5.34 -24.86
CA TRP A 153 -31.34 3.98 -25.16
C TRP A 153 -32.44 2.95 -25.39
N MET A 154 -33.54 3.11 -24.67
CA MET A 154 -34.65 2.16 -24.76
C MET A 154 -35.39 2.30 -26.09
N LEU A 155 -35.60 3.53 -26.53
CA LEU A 155 -36.15 3.80 -27.87
C LEU A 155 -35.25 3.17 -28.99
N GLU A 156 -33.96 3.38 -28.89
CA GLU A 156 -33.01 2.91 -29.92
C GLU A 156 -32.75 1.41 -29.93
N ASN A 157 -33.08 0.72 -28.84
CA ASN A 157 -32.73 -0.68 -28.69
C ASN A 157 -33.87 -1.60 -28.26
N VAL A 158 -35.05 -1.07 -27.91
CA VAL A 158 -36.12 -1.93 -27.43
C VAL A 158 -37.26 -1.76 -28.37
N PRO A 159 -37.50 -2.78 -29.21
CA PRO A 159 -38.58 -2.69 -30.20
C PRO A 159 -39.92 -2.31 -29.56
N ALA A 160 -40.27 -2.98 -28.46
CA ALA A 160 -41.54 -2.71 -27.76
C ALA A 160 -41.72 -1.24 -27.32
N VAL A 161 -40.62 -0.63 -26.86
CA VAL A 161 -40.62 0.75 -26.34
C VAL A 161 -40.85 1.76 -27.47
N ALA A 162 -40.01 1.64 -28.47
CA ALA A 162 -40.15 2.38 -29.74
C ALA A 162 -41.55 2.18 -30.31
N ASP A 163 -42.08 0.95 -30.22
CA ASP A 163 -43.45 0.66 -30.65
C ASP A 163 -44.44 1.49 -29.87
N ALA A 164 -44.45 1.28 -28.55
CA ALA A 164 -45.31 2.05 -27.62
C ALA A 164 -45.26 3.56 -27.86
N CYS A 165 -44.05 4.08 -28.11
CA CYS A 165 -43.83 5.50 -28.41
C CYS A 165 -44.55 5.88 -29.68
N ARG A 166 -44.31 5.08 -30.74
CA ARG A 166 -45.02 5.20 -32.03
C ARG A 166 -46.55 5.32 -31.81
N ARG A 167 -47.11 4.41 -31.00
CA ARG A 167 -48.55 4.37 -30.73
C ARG A 167 -49.11 5.41 -29.71
N GLY A 168 -48.26 6.33 -29.24
CA GLY A 168 -48.66 7.28 -28.20
C GLY A 168 -48.99 6.69 -26.82
N THR A 169 -48.52 5.48 -26.50
CA THR A 169 -48.83 4.85 -25.18
C THR A 169 -47.64 4.75 -24.18
N LEU A 170 -46.56 5.51 -24.44
CA LEU A 170 -45.31 5.34 -23.72
C LEU A 170 -45.27 6.25 -22.52
N CYS A 171 -44.92 5.64 -21.39
CA CYS A 171 -44.66 6.34 -20.11
C CYS A 171 -43.25 6.03 -19.65
N PHE A 172 -42.45 7.07 -19.55
CA PHE A 172 -41.17 7.01 -18.88
C PHE A 172 -41.36 7.61 -17.50
N GLY A 173 -40.57 7.11 -16.55
CA GLY A 173 -40.68 7.57 -15.18
C GLY A 173 -39.54 7.01 -14.40
N THR A 174 -38.92 7.85 -13.59
CA THR A 174 -38.01 7.36 -12.51
C THR A 174 -38.88 6.60 -11.46
N ILE A 175 -38.23 5.91 -10.53
CA ILE A 175 -38.87 4.95 -9.61
C ILE A 175 -39.94 5.58 -8.77
N ASP A 176 -39.74 6.82 -8.31
CA ASP A 176 -40.83 7.56 -7.68
C ASP A 176 -42.11 7.59 -8.56
N THR A 177 -41.95 7.90 -9.85
CA THR A 177 -43.05 8.02 -10.78
C THR A 177 -43.74 6.66 -10.93
N TRP A 178 -42.93 5.65 -11.19
CA TRP A 178 -43.43 4.29 -11.28
C TRP A 178 -44.20 3.82 -10.05
N LEU A 179 -43.62 4.03 -8.86
CA LEU A 179 -44.32 3.64 -7.61
C LEU A 179 -45.65 4.39 -7.38
N MET A 180 -45.67 5.69 -7.63
CA MET A 180 -46.91 6.46 -7.47
C MET A 180 -47.98 6.11 -8.50
N TYR A 181 -47.58 5.81 -9.72
CA TYR A 181 -48.48 5.25 -10.74
C TYR A 181 -49.10 3.93 -10.28
N LYS A 182 -48.24 2.95 -9.99
CA LYS A 182 -48.74 1.63 -9.61
C LYS A 182 -49.46 1.64 -8.28
N LEU A 183 -49.02 2.43 -7.29
CA LEU A 183 -49.69 2.42 -5.95
C LEU A 183 -51.07 3.05 -6.03
N SER A 184 -51.23 3.99 -6.97
CA SER A 184 -52.50 4.69 -7.18
C SER A 184 -53.52 3.96 -8.11
N GLY A 185 -53.15 2.78 -8.62
CA GLY A 185 -53.96 2.00 -9.56
C GLY A 185 -53.68 2.29 -11.03
N GLY A 186 -52.85 3.28 -11.30
CA GLY A 186 -52.69 3.84 -12.64
C GLY A 186 -53.22 5.27 -12.77
N LYS A 187 -53.72 5.88 -11.68
CA LYS A 187 -54.30 7.25 -11.68
C LYS A 187 -53.38 8.51 -11.53
N ALA A 188 -52.09 8.34 -11.28
CA ALA A 188 -51.22 9.47 -10.97
C ALA A 188 -49.97 9.34 -11.81
N PHE A 189 -49.62 10.41 -12.52
CA PHE A 189 -48.43 10.35 -13.37
C PHE A 189 -47.60 11.59 -13.08
N VAL A 190 -46.95 11.52 -11.92
CA VAL A 190 -46.26 12.63 -11.29
C VAL A 190 -44.79 12.30 -10.96
N THR A 191 -44.04 13.34 -10.68
CA THR A 191 -42.68 13.22 -10.23
C THR A 191 -42.36 14.46 -9.42
N ASP A 192 -41.52 14.29 -8.41
CA ASP A 192 -41.10 15.40 -7.58
C ASP A 192 -39.90 16.13 -8.24
N VAL A 193 -39.71 17.41 -7.91
CA VAL A 193 -38.59 18.17 -8.45
C VAL A 193 -37.21 17.52 -8.35
N THR A 194 -36.93 16.81 -7.25
CA THR A 194 -35.56 16.29 -7.00
C THR A 194 -35.27 15.20 -7.97
N ASN A 195 -36.18 14.25 -8.09
CA ASN A 195 -35.98 13.19 -9.09
C ASN A 195 -35.92 13.72 -10.52
N ALA A 196 -36.76 14.71 -10.82
CA ALA A 196 -36.79 15.33 -12.17
C ALA A 196 -35.47 16.05 -12.50
N SER A 197 -34.85 16.66 -11.49
CA SER A 197 -33.50 17.26 -11.65
C SER A 197 -32.42 16.25 -12.01
N ARG A 198 -32.76 14.96 -12.03
CA ARG A 198 -31.80 13.91 -12.34
C ARG A 198 -32.00 13.25 -13.68
N THR A 199 -32.84 13.86 -14.52
CA THR A 199 -33.22 13.31 -15.80
C THR A 199 -32.41 13.86 -16.94
N PHE A 200 -31.81 15.05 -16.77
CA PHE A 200 -31.17 15.81 -17.84
C PHE A 200 -32.26 16.38 -18.81
N LEU A 201 -33.52 16.45 -18.36
CA LEU A 201 -34.60 17.03 -19.13
C LEU A 201 -35.22 18.23 -18.45
N MET A 202 -34.84 18.50 -17.20
CA MET A 202 -35.44 19.57 -16.45
C MET A 202 -34.49 20.75 -16.41
N ASP A 203 -35.09 21.92 -16.38
CA ASP A 203 -34.37 23.16 -16.34
C ASP A 203 -34.34 23.59 -14.89
N LEU A 204 -33.15 23.65 -14.32
CA LEU A 204 -33.00 23.94 -12.90
C LEU A 204 -33.69 25.22 -12.47
N ARG A 205 -33.58 26.23 -13.33
CA ARG A 205 -34.01 27.59 -13.00
C ARG A 205 -35.53 27.72 -12.96
N THR A 206 -36.23 26.99 -13.84
CA THR A 206 -37.70 27.02 -13.89
C THR A 206 -38.33 25.82 -13.16
N ARG A 207 -37.53 24.77 -12.94
CA ARG A 207 -38.03 23.51 -12.37
C ARG A 207 -39.14 22.97 -13.25
N LYS A 208 -38.94 23.07 -14.57
CA LYS A 208 -39.86 22.52 -15.60
C LYS A 208 -39.09 21.82 -16.67
N TRP A 209 -39.74 20.92 -17.39
CA TRP A 209 -39.11 20.26 -18.54
C TRP A 209 -38.70 21.32 -19.57
N SER A 210 -37.59 21.07 -20.28
CA SER A 210 -36.94 22.04 -21.13
C SER A 210 -37.18 21.56 -22.54
N PRO A 211 -38.06 22.27 -23.28
CA PRO A 211 -38.40 21.86 -24.66
C PRO A 211 -37.17 21.66 -25.58
N GLU A 212 -36.19 22.53 -25.41
CA GLU A 212 -34.98 22.45 -26.19
C GLU A 212 -34.28 21.12 -25.97
N LEU A 213 -34.10 20.71 -24.69
CA LEU A 213 -33.40 19.45 -24.37
C LEU A 213 -34.14 18.19 -24.84
N CYS A 214 -35.44 18.15 -24.61
CA CYS A 214 -36.26 17.06 -25.15
C CYS A 214 -36.19 16.94 -26.67
N GLU A 215 -36.23 18.09 -27.35
CA GLU A 215 -36.06 18.15 -28.81
C GLU A 215 -34.62 17.75 -29.19
N LYS A 216 -33.63 18.37 -28.56
CA LYS A 216 -32.27 17.98 -28.89
C LYS A 216 -31.99 16.48 -28.62
N LEU A 217 -32.64 15.90 -27.61
CA LEU A 217 -32.38 14.48 -27.28
C LEU A 217 -33.47 13.54 -27.75
N LYS A 218 -34.52 14.08 -28.36
CA LYS A 218 -35.51 13.27 -29.06
C LYS A 218 -36.22 12.33 -28.11
N ILE A 219 -36.57 12.87 -26.94
CA ILE A 219 -37.45 12.21 -25.98
C ILE A 219 -38.69 13.03 -26.15
N PRO A 220 -39.80 12.43 -26.62
CA PRO A 220 -41.04 13.20 -26.71
C PRO A 220 -41.52 13.64 -25.34
N MET A 221 -41.92 14.91 -25.21
CA MET A 221 -42.41 15.42 -23.93
C MET A 221 -43.66 14.75 -23.45
N GLU A 222 -44.44 14.22 -24.38
CA GLU A 222 -45.66 13.45 -24.05
C GLU A 222 -45.40 12.26 -23.08
N THR A 223 -44.23 11.64 -23.19
CA THR A 223 -43.85 10.48 -22.38
C THR A 223 -43.54 10.82 -20.92
N LEU A 224 -43.22 12.07 -20.62
CA LEU A 224 -42.78 12.49 -19.30
C LEU A 224 -43.93 12.87 -18.35
N PRO A 225 -43.79 12.56 -17.07
CA PRO A 225 -44.80 12.94 -16.07
C PRO A 225 -44.76 14.40 -15.68
N GLU A 226 -45.75 14.83 -14.91
CA GLU A 226 -45.82 16.19 -14.41
C GLU A 226 -44.95 16.39 -13.16
N ILE A 227 -44.26 17.51 -13.11
CA ILE A 227 -43.35 17.87 -12.05
C ILE A 227 -44.05 18.57 -10.91
N ARG A 228 -43.93 18.00 -9.70
CA ARG A 228 -44.52 18.56 -8.51
C ARG A 228 -43.45 18.72 -7.42
N SER A 229 -43.83 19.29 -6.28
CA SER A 229 -42.92 19.45 -5.16
C SER A 229 -42.61 18.06 -4.48
N ASN A 230 -41.96 18.10 -3.32
CA ASN A 230 -41.73 16.87 -2.51
C ASN A 230 -42.81 16.59 -1.51
N SER A 231 -43.66 17.59 -1.25
CA SER A 231 -44.60 17.54 -0.16
C SER A 231 -45.86 18.24 -0.58
N GLU A 232 -46.93 17.45 -0.73
CA GLU A 232 -48.26 17.80 -1.30
C GLU A 232 -48.98 16.47 -1.63
N LEU A 233 -50.26 16.55 -1.99
CA LEU A 233 -51.04 15.37 -2.31
C LEU A 233 -50.71 14.91 -3.71
N PHE A 234 -50.14 13.71 -3.81
CA PHE A 234 -49.83 13.08 -5.08
C PHE A 234 -50.97 12.15 -5.50
N GLY A 235 -51.83 11.75 -4.57
CA GLY A 235 -52.82 10.69 -4.80
C GLY A 235 -52.95 9.80 -3.60
N TYR A 236 -53.53 8.63 -3.79
CA TYR A 236 -54.07 7.77 -2.73
C TYR A 236 -53.68 6.34 -3.08
N VAL A 237 -53.35 5.55 -2.08
CA VAL A 237 -53.07 4.13 -2.30
C VAL A 237 -54.39 3.43 -2.61
N GLU A 238 -54.42 2.75 -3.75
CA GLU A 238 -55.61 2.05 -4.21
C GLU A 238 -55.40 0.60 -4.61
N THR A 239 -54.18 0.20 -4.90
CA THR A 239 -53.89 -1.19 -5.23
C THR A 239 -54.24 -2.11 -4.04
N ASP A 240 -54.60 -3.36 -4.31
CA ASP A 240 -54.72 -4.33 -3.25
C ASP A 240 -53.69 -5.43 -3.43
N GLU A 241 -52.61 -5.13 -4.17
CA GLU A 241 -51.47 -6.03 -4.30
C GLU A 241 -50.91 -6.39 -2.91
N CYS A 242 -50.55 -7.67 -2.73
CA CYS A 242 -50.06 -8.22 -1.46
C CYS A 242 -50.86 -7.78 -0.22
N GLY A 243 -52.16 -7.60 -0.39
CA GLY A 243 -53.07 -7.24 0.71
C GLY A 243 -52.85 -5.88 1.33
N VAL A 244 -52.33 -4.94 0.55
CA VAL A 244 -51.83 -3.69 1.09
C VAL A 244 -52.98 -2.74 1.46
N ALA A 245 -54.00 -2.64 0.62
CA ALA A 245 -55.21 -1.87 0.99
C ALA A 245 -55.91 -2.55 2.16
N ALA A 246 -55.78 -3.87 2.26
CA ALA A 246 -56.38 -4.59 3.39
C ALA A 246 -55.69 -4.17 4.68
N ALA A 247 -54.35 -4.15 4.67
CA ALA A 247 -53.50 -3.78 5.83
C ALA A 247 -53.61 -2.30 6.25
N LEU A 248 -53.67 -1.39 5.29
CA LEU A 248 -53.81 0.03 5.57
C LEU A 248 -55.15 0.32 6.14
N ASN A 249 -56.15 -0.52 5.84
CA ASN A 249 -57.48 -0.45 6.44
C ASN A 249 -58.28 0.74 5.86
N GLU A 250 -57.77 1.95 6.03
CA GLU A 250 -58.42 3.15 5.56
C GLU A 250 -57.72 3.75 4.36
N ARG A 251 -58.36 4.79 3.82
CA ARG A 251 -57.84 5.53 2.68
C ARG A 251 -56.53 6.17 3.12
N THR A 252 -55.47 5.95 2.37
CA THR A 252 -54.18 6.50 2.76
C THR A 252 -53.57 7.31 1.61
N PRO A 253 -53.43 8.63 1.79
CA PRO A 253 -52.84 9.47 0.77
C PRO A 253 -51.32 9.33 0.71
N ILE A 254 -50.78 9.43 -0.50
CA ILE A 254 -49.36 9.52 -0.78
C ILE A 254 -49.08 11.01 -0.83
N MET A 255 -48.30 11.51 0.12
CA MET A 255 -48.06 12.94 0.29
C MET A 255 -46.58 13.38 0.31
N GLY A 256 -45.66 12.47 0.01
CA GLY A 256 -44.21 12.80 -0.01
C GLY A 256 -43.53 11.94 -1.04
N SER A 257 -42.64 12.56 -1.82
CA SER A 257 -41.84 11.85 -2.81
C SER A 257 -40.57 12.63 -2.96
N ILE A 258 -39.41 11.97 -2.88
CA ILE A 258 -38.12 12.73 -2.93
C ILE A 258 -36.98 11.77 -3.18
N GLY A 259 -36.02 12.16 -4.00
CA GLY A 259 -34.88 11.29 -4.28
C GLY A 259 -34.03 10.97 -3.03
N ASP A 260 -33.50 9.75 -2.99
CA ASP A 260 -32.85 9.19 -1.80
C ASP A 260 -31.82 10.13 -1.18
N GLN A 261 -30.87 10.64 -1.95
CA GLN A 261 -29.86 11.53 -1.32
C GLN A 261 -30.46 12.78 -0.71
N GLN A 262 -31.37 13.38 -1.42
CA GLN A 262 -32.08 14.58 -0.98
C GLN A 262 -32.94 14.30 0.20
N SER A 263 -33.50 13.11 0.22
CA SER A 263 -34.31 12.70 1.33
C SER A 263 -33.44 12.68 2.57
N ALA A 264 -32.20 12.17 2.42
CA ALA A 264 -31.25 12.17 3.53
C ALA A 264 -30.87 13.60 3.92
N LEU A 265 -30.70 14.52 2.95
CA LEU A 265 -30.51 15.93 3.26
C LEU A 265 -31.67 16.48 4.11
N PHE A 266 -32.87 16.10 3.76
CA PHE A 266 -34.06 16.58 4.43
C PHE A 266 -34.20 15.91 5.79
N GLY A 267 -34.04 14.60 5.82
CA GLY A 267 -34.15 13.86 7.07
C GLY A 267 -33.09 14.23 8.07
N ASN A 268 -31.97 14.78 7.58
CA ASN A 268 -30.94 15.31 8.45
C ASN A 268 -31.12 16.78 8.86
N MET A 269 -32.27 17.39 8.58
CA MET A 269 -32.61 18.75 9.00
C MET A 269 -31.70 19.81 8.40
N CYS A 270 -31.21 19.61 7.19
CA CYS A 270 -30.34 20.58 6.54
C CYS A 270 -31.20 21.65 5.83
N PHE A 271 -31.94 22.41 6.62
CA PHE A 271 -32.96 23.30 6.07
C PHE A 271 -32.41 24.67 5.65
N GLU A 272 -31.21 25.05 6.12
CA GLU A 272 -30.62 26.37 5.87
C GLU A 272 -29.45 26.25 4.93
N LYS A 273 -29.11 27.32 4.23
CA LYS A 273 -27.92 27.35 3.38
C LYS A 273 -26.68 27.17 4.27
N GLY A 274 -25.68 26.45 3.76
CA GLY A 274 -24.49 26.11 4.53
C GLY A 274 -24.59 24.82 5.33
N GLU A 275 -25.80 24.22 5.48
CA GLU A 275 -25.93 22.88 6.13
C GLU A 275 -25.81 21.76 5.11
N ALA A 276 -24.99 20.78 5.47
CA ALA A 276 -24.62 19.72 4.57
C ALA A 276 -24.79 18.35 5.24
N LYS A 277 -24.96 17.30 4.41
CA LYS A 277 -24.99 15.95 4.90
C LYS A 277 -24.03 15.11 4.10
N ASN A 278 -23.43 14.13 4.75
CA ASN A 278 -22.68 13.12 4.06
C ASN A 278 -23.16 11.78 4.48
N THR A 279 -23.40 10.94 3.49
CA THR A 279 -23.65 9.52 3.69
C THR A 279 -22.39 8.68 3.45
N TYR A 280 -21.98 7.99 4.52
CA TYR A 280 -20.79 7.17 4.52
C TYR A 280 -21.28 5.72 4.34
N GLY A 281 -21.43 5.31 3.07
CA GLY A 281 -21.81 3.97 2.63
C GLY A 281 -20.64 3.32 1.91
N THR A 282 -20.95 2.43 0.97
CA THR A 282 -19.94 1.88 0.06
C THR A 282 -19.07 3.00 -0.49
N GLY A 283 -19.74 4.04 -1.01
CA GLY A 283 -19.10 5.31 -1.36
C GLY A 283 -19.70 6.36 -0.44
N CYS A 284 -19.46 7.62 -0.78
CA CYS A 284 -20.05 8.74 -0.07
C CYS A 284 -20.78 9.61 -1.05
N PHE A 285 -21.92 10.14 -0.60
CA PHE A 285 -22.66 11.16 -1.32
C PHE A 285 -22.75 12.30 -0.33
N LEU A 286 -22.11 13.42 -0.64
CA LEU A 286 -22.22 14.62 0.13
C LEU A 286 -23.08 15.66 -0.61
N LEU A 287 -24.15 16.12 0.05
CA LEU A 287 -24.95 17.30 -0.39
C LEU A 287 -24.95 18.47 0.60
N MET A 288 -24.85 19.67 0.04
CA MET A 288 -25.08 20.89 0.78
C MET A 288 -26.27 21.72 0.22
N ASN A 289 -27.17 22.07 1.09
CA ASN A 289 -28.11 23.15 0.87
C ASN A 289 -27.41 24.48 0.56
N VAL A 290 -27.55 24.98 -0.67
CA VAL A 290 -26.93 26.23 -1.06
C VAL A 290 -27.88 27.46 -1.04
N GLY A 291 -29.12 27.29 -0.61
CA GLY A 291 -30.09 28.38 -0.48
C GLY A 291 -31.08 28.39 -1.66
N GLU A 292 -31.80 29.50 -1.82
CA GLU A 292 -32.91 29.57 -2.76
C GLU A 292 -32.58 29.85 -4.20
N GLU A 293 -31.30 30.09 -4.49
CA GLU A 293 -30.85 30.26 -5.89
C GLU A 293 -29.83 29.17 -6.23
N ALA A 294 -29.99 28.59 -7.43
CA ALA A 294 -29.02 27.59 -7.89
C ALA A 294 -27.63 28.15 -8.03
N ARG A 295 -26.69 27.27 -7.82
CA ARG A 295 -25.29 27.54 -7.92
C ARG A 295 -24.77 26.49 -8.86
N PHE A 296 -24.03 26.95 -9.85
CA PHE A 296 -23.37 26.09 -10.80
C PHE A 296 -21.92 25.93 -10.44
N SER A 297 -21.38 24.77 -10.81
CA SER A 297 -20.09 24.34 -10.32
C SER A 297 -19.06 24.54 -11.40
N LYS A 298 -17.97 25.24 -11.03
CA LYS A 298 -16.73 25.32 -11.83
C LYS A 298 -15.76 24.18 -11.44
N HIS A 299 -16.25 23.10 -10.81
CA HIS A 299 -15.41 21.94 -10.42
C HIS A 299 -15.98 20.55 -10.78
N GLY A 300 -16.99 20.49 -11.65
CA GLY A 300 -17.66 19.22 -11.98
C GLY A 300 -18.63 18.71 -10.90
N LEU A 301 -18.75 19.37 -9.74
CA LEU A 301 -19.84 19.04 -8.80
C LEU A 301 -21.17 19.15 -9.53
N LEU A 302 -22.16 18.41 -9.10
CA LEU A 302 -23.47 18.47 -9.71
C LEU A 302 -24.36 19.46 -8.97
N SER A 303 -25.07 20.31 -9.74
CA SER A 303 -26.11 21.18 -9.16
C SER A 303 -27.47 20.50 -9.25
N THR A 304 -28.25 20.56 -8.19
CA THR A 304 -29.46 19.77 -8.14
C THR A 304 -30.46 20.50 -7.27
N VAL A 305 -31.68 20.00 -7.19
CA VAL A 305 -32.68 20.55 -6.27
C VAL A 305 -32.50 19.83 -4.94
N GLY A 306 -32.41 20.58 -3.84
CA GLY A 306 -32.29 19.99 -2.51
C GLY A 306 -33.65 19.49 -2.08
N PHE A 307 -34.61 20.42 -1.97
CA PHE A 307 -36.00 20.08 -1.65
C PHE A 307 -37.00 21.25 -1.85
N GLN A 308 -38.28 20.95 -1.77
CA GLN A 308 -39.32 21.93 -2.00
C GLN A 308 -40.57 21.46 -1.27
N VAL A 309 -40.90 22.14 -0.20
CA VAL A 309 -42.07 21.79 0.58
C VAL A 309 -43.26 22.59 0.08
N GLY A 310 -44.22 21.92 -0.54
CA GLY A 310 -45.46 22.56 -1.02
C GLY A 310 -45.43 22.87 -2.51
N ARG A 311 -46.54 22.60 -3.19
CA ARG A 311 -46.68 23.02 -4.56
C ARG A 311 -46.29 24.52 -4.67
N ASP A 312 -45.36 24.82 -5.56
CA ASP A 312 -44.76 26.15 -5.65
C ASP A 312 -44.57 26.78 -4.24
N GLY A 313 -43.75 26.10 -3.42
CA GLY A 313 -43.27 26.60 -2.13
C GLY A 313 -41.82 26.97 -2.38
N PRO A 314 -41.15 27.53 -1.40
CA PRO A 314 -39.75 27.88 -1.65
C PRO A 314 -38.91 26.62 -1.87
N CYS A 315 -38.02 26.74 -2.84
CA CYS A 315 -37.29 25.63 -3.40
C CYS A 315 -35.82 25.80 -3.06
N TYR A 316 -35.28 24.85 -2.32
CA TYR A 316 -33.91 24.92 -1.86
C TYR A 316 -33.02 24.07 -2.75
N TYR A 317 -31.96 24.70 -3.25
CA TYR A 317 -31.03 24.09 -4.20
C TYR A 317 -29.83 23.49 -3.47
N ALA A 318 -29.14 22.57 -4.13
CA ALA A 318 -28.03 21.89 -3.51
C ALA A 318 -26.88 21.68 -4.47
N LEU A 319 -25.70 21.53 -3.91
CA LEU A 319 -24.57 20.99 -4.63
C LEU A 319 -24.35 19.58 -4.13
N GLU A 320 -23.87 18.74 -5.02
CA GLU A 320 -23.65 17.35 -4.72
C GLU A 320 -22.28 16.89 -5.18
N GLY A 321 -21.58 16.17 -4.31
CA GLY A 321 -20.34 15.47 -4.70
C GLY A 321 -20.39 14.06 -4.13
N ALA A 322 -19.73 13.16 -4.81
CA ALA A 322 -19.62 11.75 -4.47
C ALA A 322 -18.13 11.29 -4.29
N ILE A 323 -17.88 10.24 -3.50
CA ILE A 323 -16.64 9.45 -3.64
C ILE A 323 -17.02 7.98 -3.88
N ALA A 324 -16.31 7.28 -4.75
CA ALA A 324 -16.72 5.93 -5.13
C ALA A 324 -16.36 4.89 -4.07
N CYS A 325 -15.22 5.06 -3.40
CA CYS A 325 -14.69 3.96 -2.57
C CYS A 325 -14.50 4.38 -1.12
N ALA A 326 -15.55 4.20 -0.34
CA ALA A 326 -15.54 4.56 1.06
C ALA A 326 -15.51 3.29 1.89
N GLY A 327 -16.69 2.81 2.30
CA GLY A 327 -16.76 1.51 2.93
C GLY A 327 -16.26 0.35 2.06
N ALA A 328 -16.32 0.51 0.74
CA ALA A 328 -15.71 -0.46 -0.15
C ALA A 328 -14.21 -0.66 0.19
N THR A 329 -13.50 0.42 0.46
CA THR A 329 -12.13 0.34 0.92
C THR A 329 -11.99 -0.39 2.25
N VAL A 330 -12.91 -0.18 3.19
CA VAL A 330 -12.85 -0.89 4.43
C VAL A 330 -12.96 -2.38 4.14
N GLU A 331 -13.88 -2.70 3.26
CA GLU A 331 -14.19 -4.07 2.89
C GLU A 331 -13.00 -4.69 2.14
N TRP A 332 -12.41 -3.95 1.19
CA TRP A 332 -11.24 -4.44 0.48
C TRP A 332 -10.10 -4.81 1.44
N MET A 333 -9.85 -3.93 2.41
CA MET A 333 -8.84 -4.14 3.43
C MET A 333 -9.04 -5.46 4.19
N ARG A 334 -10.29 -5.82 4.45
CA ARG A 334 -10.66 -7.10 5.08
C ARG A 334 -10.64 -8.25 4.05
N ARG A 335 -11.50 -8.18 3.05
CA ARG A 335 -11.77 -9.33 2.19
C ARG A 335 -10.57 -9.59 1.27
N ASN A 336 -9.92 -8.55 0.73
CA ASN A 336 -8.80 -8.79 -0.20
C ASN A 336 -7.44 -8.84 0.40
N MET A 337 -7.20 -8.12 1.48
CA MET A 337 -5.84 -7.98 2.02
C MET A 337 -5.58 -8.60 3.39
N ASN A 338 -6.61 -9.08 4.09
CA ASN A 338 -6.46 -9.66 5.43
C ASN A 338 -5.84 -8.74 6.53
N LEU A 339 -6.13 -7.43 6.46
CA LEU A 339 -5.63 -6.49 7.47
C LEU A 339 -6.34 -6.52 8.82
N PHE A 340 -7.57 -7.03 8.85
CA PHE A 340 -8.29 -7.26 10.08
C PHE A 340 -9.44 -8.21 9.78
N SER A 341 -10.10 -8.78 10.80
CA SER A 341 -11.26 -9.67 10.56
C SER A 341 -12.62 -9.09 10.96
N HIS A 342 -12.88 -8.76 12.22
CA HIS A 342 -14.19 -8.18 12.59
C HIS A 342 -14.10 -6.68 12.37
N ILE A 343 -15.25 -6.07 12.02
CA ILE A 343 -15.29 -4.68 11.56
C ILE A 343 -14.92 -3.72 12.67
N THR A 344 -14.99 -4.19 13.92
CA THR A 344 -14.63 -3.39 15.07
C THR A 344 -13.16 -3.11 15.11
N GLU A 345 -12.38 -4.05 14.56
CA GLU A 345 -10.93 -3.94 14.54
C GLU A 345 -10.43 -2.85 13.60
N CYS A 346 -11.24 -2.47 12.60
CA CYS A 346 -10.88 -1.37 11.72
C CYS A 346 -10.59 -0.11 12.56
N GLU A 347 -11.58 0.35 13.34
CA GLU A 347 -11.37 1.53 14.19
C GLU A 347 -10.31 1.29 15.29
N LYS A 348 -10.31 0.11 15.91
CA LYS A 348 -9.28 -0.24 16.94
C LYS A 348 -7.83 -0.15 16.42
N LEU A 349 -7.56 -0.73 15.25
CA LEU A 349 -6.22 -0.68 14.68
C LEU A 349 -5.81 0.76 14.34
N ALA A 350 -6.72 1.53 13.75
CA ALA A 350 -6.40 2.93 13.43
C ALA A 350 -6.19 3.80 14.68
N ARG A 351 -6.86 3.47 15.76
CA ARG A 351 -6.68 4.19 17.03
C ARG A 351 -5.32 3.90 17.63
N SER A 352 -4.82 2.70 17.39
CA SER A 352 -3.62 2.23 18.04
C SER A 352 -2.34 2.91 17.56
N VAL A 353 -2.42 3.80 16.57
CA VAL A 353 -1.27 4.62 16.18
C VAL A 353 -1.68 6.09 16.21
N PRO A 354 -0.76 6.97 16.61
CA PRO A 354 -1.10 8.39 16.72
C PRO A 354 -1.32 9.10 15.36
N GLY A 355 -0.58 8.72 14.32
CA GLY A 355 -0.90 9.14 12.94
C GLY A 355 -0.46 8.09 11.93
N THR A 356 -0.24 8.54 10.71
CA THR A 356 0.20 7.69 9.61
C THR A 356 1.68 7.79 9.33
N GLN A 357 2.38 8.61 10.11
CA GLN A 357 3.84 8.73 10.09
C GLN A 357 4.32 8.88 8.65
N GLY A 358 3.55 9.67 7.90
CA GLY A 358 3.91 10.07 6.55
C GLY A 358 3.46 9.21 5.39
N ILE A 359 2.82 8.05 5.60
CA ILE A 359 2.27 7.34 4.42
C ILE A 359 0.97 8.00 3.96
N VAL A 360 0.67 7.89 2.66
CA VAL A 360 -0.67 8.22 2.18
C VAL A 360 -1.16 7.04 1.35
N PHE A 361 -2.41 6.66 1.62
CA PHE A 361 -3.17 5.67 0.92
C PHE A 361 -4.35 6.33 0.15
N VAL A 362 -4.19 6.52 -1.15
CA VAL A 362 -5.29 7.05 -1.98
C VAL A 362 -6.14 5.91 -2.53
N PRO A 363 -7.37 5.71 -2.01
CA PRO A 363 -8.08 4.51 -2.48
C PRO A 363 -8.91 4.77 -3.77
N ALA A 364 -8.23 5.10 -4.85
CA ALA A 364 -8.87 5.42 -6.13
C ALA A 364 -8.99 4.19 -6.97
N PHE A 365 -9.47 3.13 -6.36
CA PHE A 365 -9.57 1.84 -6.99
C PHE A 365 -10.36 1.92 -8.30
N SER A 366 -11.34 2.81 -8.39
CA SER A 366 -12.18 2.88 -9.59
C SER A 366 -12.14 4.27 -10.14
N GLY A 367 -10.95 4.87 -10.15
CA GLY A 367 -10.80 6.26 -10.51
C GLY A 367 -11.09 7.24 -9.39
N LEU A 368 -10.89 8.50 -9.72
CA LEU A 368 -11.10 9.64 -8.84
C LEU A 368 -12.32 10.43 -9.35
N LEU A 369 -13.13 10.92 -8.41
CA LEU A 369 -14.42 11.56 -8.71
C LEU A 369 -14.32 12.98 -8.22
N ALA A 370 -15.34 13.47 -7.49
CA ALA A 370 -15.20 14.64 -6.58
C ALA A 370 -14.78 15.81 -7.46
N PRO A 371 -13.84 16.68 -7.00
CA PRO A 371 -13.46 17.71 -7.97
C PRO A 371 -12.19 17.41 -8.76
N TYR A 372 -11.78 16.14 -8.86
CA TYR A 372 -10.63 15.75 -9.68
C TYR A 372 -10.93 14.55 -10.53
N TRP A 373 -12.00 14.62 -11.29
CA TRP A 373 -12.51 13.47 -12.05
C TRP A 373 -11.32 12.99 -12.88
N ASP A 374 -10.91 11.77 -12.64
CA ASP A 374 -9.76 11.19 -13.35
C ASP A 374 -9.92 9.68 -13.27
N PRO A 375 -10.56 9.11 -14.31
CA PRO A 375 -10.75 7.67 -14.37
C PRO A 375 -9.47 6.86 -14.60
N SER A 376 -8.32 7.51 -14.85
CA SER A 376 -7.03 6.81 -14.91
C SER A 376 -6.34 6.53 -13.54
N ALA A 377 -6.68 7.35 -12.52
CA ALA A 377 -6.20 7.17 -11.15
C ALA A 377 -6.48 5.77 -10.67
N ARG A 378 -5.52 5.18 -10.00
CA ARG A 378 -5.75 3.88 -9.37
C ARG A 378 -5.35 3.90 -7.91
N GLY A 379 -5.60 2.81 -7.21
CA GLY A 379 -5.28 2.76 -5.80
C GLY A 379 -3.81 2.79 -5.61
N THR A 380 -3.37 3.61 -4.65
CA THR A 380 -1.95 3.82 -4.43
C THR A 380 -1.56 4.10 -2.99
N ILE A 381 -0.36 3.63 -2.65
CA ILE A 381 0.22 3.90 -1.34
C ILE A 381 1.62 4.37 -1.56
N VAL A 382 1.95 5.43 -0.86
CA VAL A 382 3.29 5.99 -0.98
C VAL A 382 3.74 6.29 0.40
N GLY A 383 5.05 6.23 0.59
CA GLY A 383 5.68 6.74 1.78
C GLY A 383 6.05 5.69 2.81
N MET A 384 5.91 4.41 2.49
CA MET A 384 6.07 3.34 3.50
C MET A 384 7.53 3.09 3.89
N THR A 385 7.71 2.73 5.17
CA THR A 385 8.98 2.28 5.72
C THR A 385 8.74 0.91 6.37
N LEU A 386 9.83 0.32 6.88
CA LEU A 386 9.75 -0.92 7.62
C LEU A 386 9.08 -0.71 8.97
N LYS A 387 8.90 0.54 9.41
CA LYS A 387 8.07 0.85 10.56
C LYS A 387 6.57 0.89 10.26
N THR A 388 6.20 1.13 9.01
CA THR A 388 4.77 1.15 8.65
C THR A 388 4.11 -0.18 8.89
N THR A 389 2.87 -0.15 9.37
CA THR A 389 2.12 -1.38 9.67
C THR A 389 0.72 -1.23 9.15
N ARG A 390 -0.03 -2.30 9.24
CA ARG A 390 -1.43 -2.30 8.87
C ARG A 390 -2.25 -1.24 9.60
N ALA A 391 -1.89 -0.96 10.84
CA ALA A 391 -2.56 0.05 11.62
C ALA A 391 -2.41 1.42 10.95
N HIS A 392 -1.21 1.69 10.46
CA HIS A 392 -0.98 2.92 9.73
C HIS A 392 -1.80 2.93 8.43
N VAL A 393 -1.81 1.81 7.73
CA VAL A 393 -2.50 1.72 6.45
C VAL A 393 -3.99 1.86 6.63
N ILE A 394 -4.58 1.22 7.64
CA ILE A 394 -6.02 1.35 7.91
C ILE A 394 -6.35 2.80 8.24
N ARG A 395 -5.54 3.40 9.11
CA ARG A 395 -5.79 4.77 9.48
C ARG A 395 -5.66 5.70 8.27
N ALA A 396 -4.69 5.45 7.39
CA ALA A 396 -4.56 6.23 6.14
C ALA A 396 -5.76 6.11 5.21
N ALA A 397 -6.43 4.96 5.19
CA ALA A 397 -7.61 4.77 4.37
C ALA A 397 -8.70 5.66 4.89
N LEU A 398 -8.81 5.70 6.21
CA LEU A 398 -9.80 6.55 6.85
C LEU A 398 -9.50 8.02 6.62
N GLN A 399 -8.24 8.40 6.77
CA GLN A 399 -7.83 9.78 6.51
C GLN A 399 -8.16 10.15 5.07
N ALA A 400 -7.89 9.23 4.13
CA ALA A 400 -8.10 9.48 2.72
C ALA A 400 -9.57 9.81 2.39
N ILE A 401 -10.48 9.08 3.00
CA ILE A 401 -11.90 9.33 2.84
C ILE A 401 -12.29 10.72 3.32
N ALA A 402 -11.81 11.12 4.49
CA ALA A 402 -12.02 12.50 5.03
C ALA A 402 -11.40 13.64 4.22
N LEU A 403 -10.26 13.35 3.58
CA LEU A 403 -9.54 14.31 2.72
C LEU A 403 -10.25 14.56 1.41
N GLN A 404 -10.80 13.50 0.83
CA GLN A 404 -11.62 13.66 -0.34
C GLN A 404 -12.84 14.52 -0.05
N LEU A 405 -13.51 14.25 1.08
CA LEU A 405 -14.70 14.99 1.45
C LEU A 405 -14.30 16.42 1.76
N ASN A 406 -13.10 16.64 2.29
CA ASN A 406 -12.57 17.99 2.56
C ASN A 406 -12.41 18.76 1.26
N ASP A 407 -11.85 18.12 0.24
CA ASP A 407 -11.80 18.68 -1.11
C ASP A 407 -13.13 18.95 -1.77
N VAL A 408 -14.10 18.06 -1.57
CA VAL A 408 -15.44 18.25 -2.10
C VAL A 408 -16.09 19.47 -1.47
N VAL A 409 -16.04 19.54 -0.14
CA VAL A 409 -16.57 20.66 0.64
C VAL A 409 -15.94 22.00 0.23
N GLY A 410 -14.62 21.99 0.10
CA GLY A 410 -13.89 23.13 -0.36
C GLY A 410 -14.37 23.60 -1.70
N SER A 411 -14.56 22.69 -2.63
CA SER A 411 -15.14 23.04 -3.93
C SER A 411 -16.52 23.66 -3.76
N MET A 412 -17.38 23.02 -2.97
CA MET A 412 -18.71 23.56 -2.73
C MET A 412 -18.72 24.97 -2.19
N LYS A 413 -17.88 25.22 -1.19
CA LYS A 413 -17.80 26.56 -0.60
C LYS A 413 -17.44 27.60 -1.66
N ARG A 414 -16.58 27.26 -2.62
CA ARG A 414 -16.16 28.24 -3.65
C ARG A 414 -17.28 28.43 -4.69
N ASP A 415 -17.91 27.34 -5.14
CA ASP A 415 -19.06 27.44 -6.05
C ASP A 415 -20.26 28.17 -5.38
N ALA A 416 -20.53 27.90 -4.12
CA ALA A 416 -21.73 28.48 -3.47
C ALA A 416 -21.52 29.85 -2.87
N GLY A 417 -20.28 30.24 -2.64
CA GLY A 417 -20.02 31.48 -1.91
C GLY A 417 -20.48 31.41 -0.46
N LEU A 418 -20.40 30.21 0.14
CA LEU A 418 -20.76 30.07 1.55
C LEU A 418 -19.86 29.14 2.32
N ASN A 419 -19.96 29.29 3.64
CA ASN A 419 -19.29 28.43 4.59
C ASN A 419 -20.12 27.22 4.86
N LEU A 420 -19.44 26.14 5.23
CA LEU A 420 -20.08 24.98 5.83
C LEU A 420 -20.38 25.30 7.28
N SER A 421 -21.64 25.13 7.63
CA SER A 421 -22.15 25.43 8.96
C SER A 421 -21.98 24.22 9.89
N SER A 422 -22.43 23.07 9.44
CA SER A 422 -22.21 21.82 10.15
C SER A 422 -22.42 20.69 9.17
N LEU A 423 -21.99 19.48 9.56
CA LEU A 423 -22.10 18.30 8.72
C LEU A 423 -22.82 17.23 9.51
N ARG A 424 -24.00 16.82 9.01
CA ARG A 424 -24.72 15.70 9.57
C ARG A 424 -24.22 14.48 8.78
N VAL A 425 -24.11 13.35 9.46
CA VAL A 425 -23.53 12.14 8.90
C VAL A 425 -24.51 10.94 9.10
N ASP A 426 -24.39 9.92 8.27
CA ASP A 426 -25.20 8.67 8.39
C ASP A 426 -24.48 7.68 7.50
N GLY A 427 -25.06 6.52 7.34
CA GLY A 427 -24.42 5.41 6.63
C GLY A 427 -23.68 4.61 7.71
N GLY A 428 -23.47 3.32 7.44
CA GLY A 428 -22.71 2.40 8.30
C GLY A 428 -21.37 2.91 8.75
N LEU A 429 -20.62 3.52 7.85
CA LEU A 429 -19.28 4.03 8.20
C LEU A 429 -19.28 5.24 9.14
N SER A 430 -20.45 5.86 9.36
CA SER A 430 -20.57 6.82 10.46
C SER A 430 -20.62 6.18 11.86
N LYS A 431 -20.71 4.85 11.96
CA LYS A 431 -20.48 4.21 13.26
C LYS A 431 -19.00 4.24 13.66
N ASN A 432 -18.10 4.54 12.71
CA ASN A 432 -16.65 4.68 12.98
C ASN A 432 -16.26 6.01 13.64
N GLY A 433 -16.16 5.95 14.97
CA GLY A 433 -15.86 7.12 15.77
C GLY A 433 -14.66 7.88 15.27
N LEU A 434 -13.59 7.19 14.90
CA LEU A 434 -12.35 7.89 14.54
C LEU A 434 -12.45 8.60 13.20
N LEU A 435 -13.14 7.98 12.23
CA LEU A 435 -13.34 8.62 10.91
C LEU A 435 -14.08 9.92 11.12
N MET A 436 -15.08 9.91 12.00
CA MET A 436 -15.82 11.14 12.37
C MET A 436 -14.93 12.24 12.97
N GLU A 437 -14.04 11.89 13.88
CA GLU A 437 -13.10 12.87 14.48
C GLU A 437 -12.09 13.44 13.49
N ILE A 438 -11.54 12.60 12.62
CA ILE A 438 -10.63 13.06 11.59
C ILE A 438 -11.38 14.07 10.72
N GLN A 439 -12.62 13.76 10.41
CA GLN A 439 -13.43 14.64 9.55
C GLN A 439 -13.78 16.01 10.20
N ALA A 440 -14.16 16.02 11.49
CA ALA A 440 -14.35 17.31 12.24
C ALA A 440 -13.07 18.17 12.21
N SER A 441 -11.94 17.51 12.48
CA SER A 441 -10.63 18.13 12.52
C SER A 441 -10.28 18.71 11.18
N LEU A 442 -10.40 17.96 10.11
CA LEU A 442 -10.09 18.50 8.79
C LEU A 442 -11.01 19.65 8.40
N LEU A 443 -12.31 19.53 8.66
CA LEU A 443 -13.25 20.54 8.22
C LEU A 443 -13.37 21.74 9.19
N GLY A 444 -12.99 21.55 10.45
CA GLY A 444 -13.18 22.61 11.42
C GLY A 444 -14.64 22.93 11.68
N VAL A 445 -15.51 21.92 11.67
CA VAL A 445 -16.89 22.12 12.09
C VAL A 445 -17.32 20.93 12.89
N ASP A 446 -18.43 21.09 13.58
CA ASP A 446 -19.05 19.99 14.30
C ASP A 446 -19.71 19.01 13.35
N ILE A 447 -19.60 17.74 13.69
CA ILE A 447 -20.23 16.69 12.96
C ILE A 447 -21.30 16.13 13.85
N LEU A 448 -22.56 16.20 13.39
CA LEU A 448 -23.68 15.68 14.13
C LEU A 448 -24.03 14.28 13.62
N VAL A 449 -24.14 13.35 14.58
CA VAL A 449 -24.41 11.95 14.30
C VAL A 449 -25.75 11.62 14.94
N PRO A 450 -26.79 11.37 14.12
CA PRO A 450 -28.07 10.98 14.67
C PRO A 450 -28.08 9.56 15.19
N SER A 451 -28.71 9.36 16.32
CA SER A 451 -28.85 8.03 16.89
C SER A 451 -29.94 7.32 16.14
N MET A 452 -31.00 8.05 15.80
CA MET A 452 -31.99 7.50 14.88
C MET A 452 -31.37 7.69 13.50
N HIS A 453 -30.69 6.64 13.02
CA HIS A 453 -29.83 6.78 11.81
C HIS A 453 -30.56 6.54 10.44
N GLU A 454 -31.86 6.27 10.49
CA GLU A 454 -32.74 6.02 9.36
C GLU A 454 -33.14 7.32 8.63
N THR A 455 -32.15 8.08 8.20
CA THR A 455 -32.36 9.45 7.79
C THR A 455 -33.00 9.50 6.43
N THR A 456 -32.61 8.60 5.57
CA THR A 456 -33.16 8.53 4.23
C THR A 456 -34.67 8.32 4.26
N ALA A 457 -35.10 7.36 5.05
CA ALA A 457 -36.52 7.03 5.10
C ALA A 457 -37.29 8.16 5.75
N LEU A 458 -36.61 8.86 6.67
CA LEU A 458 -37.22 9.89 7.48
C LEU A 458 -37.51 11.12 6.66
N GLY A 459 -36.63 11.49 5.73
CA GLY A 459 -36.91 12.53 4.75
C GLY A 459 -38.32 12.43 4.13
N ALA A 460 -38.62 11.26 3.61
CA ALA A 460 -39.87 11.00 2.94
C ALA A 460 -41.02 11.05 3.91
N ALA A 461 -40.80 10.48 5.09
CA ALA A 461 -41.85 10.49 6.11
C ALA A 461 -42.18 11.92 6.54
N LEU A 462 -41.17 12.79 6.58
CA LEU A 462 -41.34 14.22 6.95
C LEU A 462 -42.08 15.00 5.90
N CYS A 463 -41.74 14.81 4.64
CA CYS A 463 -42.43 15.46 3.54
C CYS A 463 -43.92 15.09 3.63
N ALA A 464 -44.17 13.80 3.68
CA ALA A 464 -45.51 13.29 3.82
C ALA A 464 -46.22 13.89 5.02
N GLY A 465 -45.55 13.95 6.17
CA GLY A 465 -46.23 14.31 7.46
C GLY A 465 -46.49 15.81 7.60
N LEU A 466 -45.55 16.62 7.08
CA LEU A 466 -45.74 18.07 6.89
C LEU A 466 -46.99 18.37 6.05
N ALA A 467 -47.08 17.71 4.89
CA ALA A 467 -48.26 17.84 4.03
C ALA A 467 -49.54 17.36 4.70
N ALA A 468 -49.43 16.39 5.61
CA ALA A 468 -50.63 15.87 6.30
C ALA A 468 -50.95 16.58 7.59
N GLY A 469 -50.15 17.55 8.03
CA GLY A 469 -50.33 18.20 9.29
C GLY A 469 -49.95 17.38 10.53
N VAL A 470 -49.13 16.33 10.40
CA VAL A 470 -48.54 15.63 11.58
C VAL A 470 -47.48 16.54 12.25
N TRP A 471 -46.74 17.23 11.42
CA TRP A 471 -45.88 18.34 11.83
C TRP A 471 -46.35 19.47 10.92
N THR A 472 -46.31 20.68 11.44
CA THR A 472 -46.87 21.85 10.77
C THR A 472 -45.81 22.86 10.27
N SER A 473 -44.53 22.66 10.60
CA SER A 473 -43.48 23.53 10.11
C SER A 473 -42.13 22.86 10.24
N LEU A 474 -41.15 23.38 9.49
CA LEU A 474 -39.76 22.91 9.61
C LEU A 474 -39.21 23.11 11.03
N GLU A 475 -39.66 24.17 11.72
CA GLU A 475 -39.16 24.44 13.08
C GLU A 475 -39.73 23.42 14.06
N GLU A 476 -41.01 23.03 13.91
CA GLU A 476 -41.58 21.95 14.75
C GLU A 476 -40.81 20.61 14.56
N VAL A 477 -40.59 20.26 13.30
CA VAL A 477 -39.75 19.10 12.95
C VAL A 477 -38.40 19.09 13.64
N LYS A 478 -37.66 20.19 13.53
CA LYS A 478 -36.41 20.34 14.28
C LYS A 478 -36.58 20.18 15.79
N ALA A 479 -37.60 20.79 16.38
CA ALA A 479 -37.77 20.67 17.85
C ALA A 479 -37.98 19.23 18.29
N VAL A 480 -38.93 18.58 17.60
CA VAL A 480 -39.25 17.19 17.83
C VAL A 480 -38.02 16.31 17.73
N SER A 481 -37.16 16.56 16.73
CA SER A 481 -35.96 15.76 16.61
C SER A 481 -35.12 15.91 17.88
N ARG A 482 -34.85 17.16 18.24
CA ARG A 482 -34.02 17.50 19.40
C ARG A 482 -34.54 16.91 20.69
N ARG A 483 -35.81 17.17 21.02
CA ARG A 483 -36.43 16.62 22.26
C ARG A 483 -36.46 15.08 22.33
N GLU A 484 -36.69 14.42 21.19
CA GLU A 484 -36.94 12.98 21.18
C GLU A 484 -35.76 12.08 20.79
N ASN A 485 -34.88 12.55 19.91
CA ASN A 485 -33.84 11.69 19.31
C ASN A 485 -32.44 12.18 19.66
N SER A 486 -31.56 11.28 20.07
CA SER A 486 -30.21 11.68 20.46
C SER A 486 -29.37 12.06 19.23
N TRP A 487 -28.81 13.25 19.29
CA TRP A 487 -27.73 13.68 18.42
C TRP A 487 -26.45 13.63 19.26
N LYS A 488 -25.40 13.05 18.69
CA LYS A 488 -24.05 13.01 19.27
C LYS A 488 -23.26 14.05 18.51
N THR A 489 -22.61 14.94 19.22
CA THR A 489 -21.84 16.00 18.54
C THR A 489 -20.32 15.72 18.64
N VAL A 490 -19.62 15.84 17.50
CA VAL A 490 -18.21 15.51 17.35
C VAL A 490 -17.48 16.75 16.93
N SER A 491 -16.73 17.33 17.85
CA SER A 491 -16.09 18.62 17.61
C SER A 491 -14.71 18.41 17.07
N PRO A 492 -14.17 19.40 16.35
CA PRO A 492 -12.77 19.25 15.92
C PRO A 492 -11.85 18.93 17.14
N SER A 493 -10.79 18.16 16.91
CA SER A 493 -9.80 17.88 17.94
C SER A 493 -8.48 17.62 17.25
N GLY A 494 -8.13 18.49 16.33
CA GLY A 494 -6.82 18.40 15.70
C GLY A 494 -6.22 19.76 15.84
N SER A 495 -5.00 19.89 15.36
CA SER A 495 -4.37 21.17 15.21
C SER A 495 -4.43 21.56 13.76
N ALA A 496 -4.50 22.86 13.52
CA ALA A 496 -4.45 23.44 12.19
C ALA A 496 -3.10 23.21 11.48
N MET A 497 -2.03 23.02 12.26
CA MET A 497 -0.70 22.68 11.71
C MET A 497 -0.65 21.24 11.17
N GLU A 498 -1.32 20.28 11.84
CA GLU A 498 -1.44 18.89 11.37
C GLU A 498 -2.32 18.81 10.11
N ARG A 499 -3.52 19.40 10.22
CA ARG A 499 -4.43 19.56 9.10
C ARG A 499 -3.66 19.98 7.85
N GLU A 500 -2.86 21.02 7.99
CA GLU A 500 -2.15 21.62 6.87
C GLU A 500 -1.22 20.58 6.27
N ALA A 501 -0.37 19.97 7.10
CA ALA A 501 0.56 18.88 6.65
C ALA A 501 -0.13 17.65 6.01
N MET A 502 -1.31 17.31 6.51
CA MET A 502 -2.03 16.13 6.05
C MET A 502 -2.53 16.44 4.67
N ILE A 503 -3.02 17.67 4.50
CA ILE A 503 -3.49 18.16 3.22
C ILE A 503 -2.34 18.27 2.19
N ALA A 504 -1.18 18.81 2.60
CA ALA A 504 -0.02 18.89 1.70
C ALA A 504 0.44 17.52 1.22
N GLU A 505 0.52 16.56 2.13
CA GLU A 505 0.84 15.16 1.75
C GLU A 505 -0.23 14.49 0.86
N TRP A 506 -1.50 14.70 1.20
CA TRP A 506 -2.62 14.31 0.30
C TRP A 506 -2.43 14.82 -1.17
N ARG A 507 -2.21 16.12 -1.34
CA ARG A 507 -1.86 16.73 -2.67
C ARG A 507 -0.68 16.13 -3.41
N GLU A 508 0.42 15.90 -2.69
CA GLU A 508 1.56 15.26 -3.34
C GLU A 508 1.14 13.88 -3.79
N ALA A 509 0.44 13.16 -2.91
CA ALA A 509 0.08 11.77 -3.20
C ALA A 509 -0.74 11.66 -4.46
N LEU A 510 -1.70 12.56 -4.62
CA LEU A 510 -2.67 12.54 -5.72
C LEU A 510 -1.95 12.61 -7.06
N LYS A 511 -0.87 13.39 -7.11
CA LYS A 511 -0.01 13.44 -8.29
C LYS A 511 0.57 12.05 -8.75
N ARG A 512 0.69 11.10 -7.82
CA ARG A 512 1.25 9.78 -8.11
C ARG A 512 0.26 8.71 -8.51
N THR A 513 -1.04 9.06 -8.59
CA THR A 513 -2.12 8.05 -8.75
C THR A 513 -2.50 7.56 -10.15
N LYS A 514 -2.09 8.34 -11.14
CA LYS A 514 -2.41 8.08 -12.54
C LYS A 514 -1.69 6.83 -13.00
N TRP A 515 -2.42 5.88 -13.57
CA TRP A 515 -1.85 4.59 -13.98
C TRP A 515 -2.50 3.94 -15.24
N ALA A 516 -3.82 3.76 -15.22
CA ALA A 516 -4.59 3.09 -16.31
C ALA A 516 -4.31 3.49 -17.76
N LYS A 517 -4.76 2.62 -18.68
CA LYS A 517 -4.69 2.74 -20.16
C LYS A 517 -3.31 2.37 -20.66
N PHE B 5 42.94 -44.15 7.04
CA PHE B 5 43.50 -42.77 7.02
C PHE B 5 42.51 -41.67 7.52
N THR B 6 43.04 -40.77 8.35
CA THR B 6 42.23 -39.84 9.13
C THR B 6 41.76 -38.56 8.42
N MET B 7 40.47 -38.25 8.55
CA MET B 7 39.89 -36.96 8.08
C MET B 7 40.66 -35.77 8.65
N LYS B 8 41.04 -34.88 7.74
CA LYS B 8 41.48 -33.55 8.12
C LYS B 8 40.31 -32.58 8.06
N TYR B 9 40.32 -31.63 8.96
CA TYR B 9 39.23 -30.68 9.13
C TYR B 9 39.74 -29.24 9.06
N VAL B 10 38.90 -28.33 8.62
CA VAL B 10 39.25 -26.94 8.55
C VAL B 10 38.13 -26.15 9.18
N GLY B 11 38.50 -25.20 10.02
CA GLY B 11 37.57 -24.42 10.78
C GLY B 11 37.35 -23.09 10.15
N SER B 12 36.11 -22.62 10.19
CA SER B 12 35.74 -21.35 9.69
C SER B 12 34.96 -20.58 10.75
N ILE B 13 35.47 -19.41 11.11
CA ILE B 13 34.75 -18.45 11.97
C ILE B 13 33.97 -17.54 11.07
N ASP B 14 32.66 -17.58 11.20
CA ASP B 14 31.75 -16.70 10.46
C ASP B 14 31.19 -15.62 11.43
N GLN B 15 31.82 -14.45 11.42
CA GLN B 15 31.47 -13.42 12.36
C GLN B 15 30.56 -12.47 11.64
N GLY B 16 29.25 -12.66 11.83
CA GLY B 16 28.19 -11.90 11.15
C GLY B 16 27.67 -10.67 11.91
N THR B 17 26.76 -9.94 11.31
CA THR B 17 26.13 -8.79 11.95
C THR B 17 25.43 -9.12 13.26
N THR B 18 24.55 -10.13 13.23
CA THR B 18 23.72 -10.53 14.39
C THR B 18 24.24 -11.72 15.24
N SER B 19 25.08 -12.58 14.65
CA SER B 19 25.67 -13.74 15.36
C SER B 19 27.06 -14.13 14.84
N THR B 20 27.71 -14.96 15.63
CA THR B 20 28.96 -15.56 15.29
C THR B 20 28.77 -17.08 15.20
N ARG B 21 29.55 -17.70 14.32
CA ARG B 21 29.54 -19.15 14.15
C ARG B 21 30.91 -19.69 13.91
N PHE B 22 31.09 -20.92 14.37
CA PHE B 22 32.23 -21.71 14.00
C PHE B 22 31.74 -22.95 13.30
N ILE B 23 32.08 -23.05 12.03
CA ILE B 23 31.78 -24.27 11.25
C ILE B 23 33.06 -25.05 10.97
N ILE B 24 33.08 -26.32 11.35
CA ILE B 24 34.19 -27.19 11.01
C ILE B 24 33.85 -28.00 9.76
N PHE B 25 34.67 -27.82 8.73
CA PHE B 25 34.55 -28.60 7.50
C PHE B 25 35.52 -29.75 7.43
N ASP B 26 35.13 -30.81 6.77
CA ASP B 26 36.05 -31.88 6.44
C ASP B 26 36.48 -31.71 4.96
N GLU B 27 37.05 -32.77 4.40
CA GLU B 27 37.78 -32.70 3.12
C GLU B 27 36.77 -32.75 2.01
N ARG B 28 35.63 -33.35 2.31
CA ARG B 28 34.44 -33.28 1.46
C ARG B 28 33.79 -31.90 1.33
N GLN B 29 34.18 -30.92 2.14
CA GLN B 29 33.54 -29.61 2.14
C GLN B 29 32.15 -29.71 2.73
N ARG B 30 32.04 -30.56 3.73
CA ARG B 30 30.83 -30.75 4.49
C ARG B 30 30.96 -30.17 5.87
N PRO B 31 29.93 -29.44 6.33
CA PRO B 31 29.97 -28.92 7.69
C PRO B 31 29.66 -30.06 8.59
N VAL B 32 30.59 -30.43 9.44
CA VAL B 32 30.39 -31.58 10.29
C VAL B 32 30.10 -31.21 11.71
N SER B 33 30.49 -30.00 12.11
CA SER B 33 30.16 -29.47 13.45
C SER B 33 29.94 -27.99 13.31
N VAL B 34 28.85 -27.49 13.91
CA VAL B 34 28.53 -26.08 13.91
C VAL B 34 28.10 -25.65 15.29
N HIS B 35 28.45 -24.43 15.65
CA HIS B 35 27.81 -23.76 16.75
C HIS B 35 27.67 -22.25 16.56
N GLN B 36 26.56 -21.70 17.05
CA GLN B 36 26.25 -20.29 16.90
C GLN B 36 26.06 -19.57 18.24
N VAL B 37 26.57 -18.35 18.36
CA VAL B 37 26.34 -17.51 19.52
C VAL B 37 26.02 -16.05 19.09
N PRO B 38 24.87 -15.50 19.56
CA PRO B 38 24.47 -14.11 19.19
C PRO B 38 25.23 -13.04 19.98
N HIS B 39 25.32 -11.82 19.45
CA HIS B 39 25.82 -10.65 20.21
C HIS B 39 24.80 -9.53 20.14
N THR B 40 24.97 -8.54 21.03
CA THR B 40 23.97 -7.51 21.23
C THR B 40 24.03 -6.45 20.13
N GLN B 41 22.85 -6.09 19.63
CA GLN B 41 22.66 -5.03 18.66
C GLN B 41 22.29 -3.67 19.33
N HIS B 42 23.31 -2.92 19.77
CA HIS B 42 23.05 -1.63 20.43
C HIS B 42 22.63 -0.53 19.48
N THR B 43 21.53 0.13 19.81
CA THR B 43 20.99 1.23 19.02
C THR B 43 20.77 2.44 19.96
N PRO B 44 21.88 3.19 20.32
CA PRO B 44 21.83 4.38 21.24
C PRO B 44 20.98 5.56 20.73
N HIS B 45 21.06 5.87 19.44
CA HIS B 45 20.29 6.92 18.77
C HIS B 45 19.67 6.35 17.49
N PRO B 46 18.50 6.85 17.06
CA PRO B 46 17.95 6.23 15.83
C PRO B 46 18.91 6.33 14.65
N GLY B 47 18.95 5.28 13.84
CA GLY B 47 19.96 5.12 12.79
C GLY B 47 21.39 4.69 13.17
N TRP B 48 21.71 4.58 14.47
CA TRP B 48 23.02 4.11 14.90
C TRP B 48 22.94 2.62 15.15
N LEU B 49 24.10 1.94 15.01
CA LEU B 49 24.28 0.52 15.39
C LEU B 49 25.74 0.23 15.72
N GLU B 50 25.96 -0.58 16.75
CA GLU B 50 27.19 -0.63 17.48
C GLU B 50 27.31 -2.01 18.16
N HIS B 51 28.50 -2.63 18.13
CA HIS B 51 28.67 -3.97 18.73
C HIS B 51 29.77 -3.91 19.75
N ASP B 52 29.65 -4.73 20.78
CA ASP B 52 30.66 -4.86 21.80
C ASP B 52 31.69 -5.85 21.24
N PRO B 53 32.91 -5.35 20.94
CA PRO B 53 34.01 -6.20 20.47
C PRO B 53 34.40 -7.34 21.36
N MET B 54 34.34 -7.16 22.66
CA MET B 54 34.64 -8.30 23.54
C MET B 54 33.53 -9.36 23.52
N GLU B 55 32.28 -8.97 23.31
CA GLU B 55 31.17 -9.92 23.18
C GLU B 55 31.41 -10.79 21.92
N ILE B 56 31.91 -10.18 20.84
CA ILE B 56 32.21 -10.88 19.57
C ILE B 56 33.37 -11.85 19.74
N PHE B 57 34.47 -11.37 20.30
CA PHE B 57 35.60 -12.28 20.53
C PHE B 57 35.18 -13.48 21.34
N ARG B 58 34.46 -13.24 22.42
CA ARG B 58 34.05 -14.32 23.29
C ARG B 58 33.10 -15.27 22.59
N SER B 59 32.16 -14.70 21.83
CA SER B 59 31.25 -15.49 21.04
C SER B 59 32.04 -16.42 20.10
N ALA B 60 33.04 -15.86 19.44
CA ALA B 60 33.88 -16.63 18.53
C ALA B 60 34.56 -17.81 19.23
N CYS B 61 35.23 -17.57 20.37
CA CYS B 61 35.89 -18.67 21.15
C CYS B 61 34.92 -19.66 21.75
N LYS B 62 33.77 -19.17 22.22
CA LYS B 62 32.70 -20.06 22.70
C LYS B 62 32.26 -21.02 21.59
N CYS B 63 32.01 -20.46 20.40
CA CYS B 63 31.70 -21.22 19.19
C CYS B 63 32.76 -22.27 18.88
N MET B 64 34.02 -21.90 18.95
CA MET B 64 35.05 -22.85 18.59
C MET B 64 35.08 -24.01 19.55
N SER B 65 35.13 -23.73 20.85
CA SER B 65 35.33 -24.81 21.83
C SER B 65 34.14 -25.77 21.85
N VAL B 66 32.94 -25.25 21.63
CA VAL B 66 31.73 -26.07 21.56
C VAL B 66 31.69 -26.95 20.33
N ALA B 67 31.91 -26.37 19.14
CA ALA B 67 31.90 -27.16 17.90
C ALA B 67 32.97 -28.28 17.89
N ILE B 68 34.14 -27.96 18.43
CA ILE B 68 35.22 -28.93 18.52
C ILE B 68 34.77 -30.07 19.39
N ALA B 69 34.28 -29.75 20.60
CA ALA B 69 33.75 -30.76 21.54
C ALA B 69 32.73 -31.65 20.90
N LYS B 70 31.81 -31.09 20.11
CA LYS B 70 30.83 -31.92 19.39
C LYS B 70 31.48 -32.79 18.32
N LEU B 71 32.45 -32.25 17.60
CA LEU B 71 33.05 -33.02 16.53
C LEU B 71 33.77 -34.23 17.14
N ARG B 72 34.47 -34.03 18.26
CA ARG B 72 35.19 -35.14 18.82
C ARG B 72 34.35 -36.27 19.41
N GLN B 73 33.06 -36.02 19.65
CA GLN B 73 32.08 -37.10 20.00
C GLN B 73 31.75 -37.94 18.77
N LYS B 74 31.72 -37.31 17.60
CA LYS B 74 31.41 -38.07 16.39
C LYS B 74 32.68 -38.60 15.63
N ASP B 75 33.85 -38.05 15.97
CA ASP B 75 35.15 -38.52 15.51
C ASP B 75 36.15 -38.48 16.67
N ALA B 76 36.24 -39.59 17.41
CA ALA B 76 37.09 -39.66 18.61
C ALA B 76 38.53 -39.89 18.22
N SER B 77 38.76 -40.26 16.95
CA SER B 77 40.10 -40.30 16.35
C SER B 77 40.43 -39.00 15.64
N PHE B 78 39.98 -37.89 16.20
CA PHE B 78 40.14 -36.57 15.59
C PHE B 78 41.50 -36.22 16.19
N ARG B 79 41.71 -35.07 16.82
CA ARG B 79 43.02 -34.63 17.40
C ARG B 79 43.34 -33.19 17.10
N LYS B 80 43.17 -32.79 15.84
CA LYS B 80 43.36 -31.39 15.49
C LYS B 80 42.66 -30.94 14.23
N ILE B 81 42.55 -29.61 14.12
CA ILE B 81 42.13 -28.89 12.95
C ILE B 81 43.39 -28.40 12.23
N GLU B 82 43.39 -28.62 10.94
CA GLU B 82 44.49 -28.30 10.04
C GLU B 82 44.73 -26.80 10.02
N ALA B 83 43.66 -26.02 9.91
CA ALA B 83 43.73 -24.55 9.86
C ALA B 83 42.36 -23.92 10.11
N ILE B 84 42.35 -22.61 10.27
CA ILE B 84 41.18 -21.84 10.60
C ILE B 84 41.13 -20.64 9.64
N GLY B 85 39.96 -20.41 9.05
CA GLY B 85 39.71 -19.24 8.19
C GLY B 85 38.76 -18.31 8.91
N ILE B 86 38.91 -17.00 8.68
CA ILE B 86 38.00 -16.01 9.21
C ILE B 86 37.27 -15.33 8.08
N THR B 87 35.96 -15.21 8.26
CA THR B 87 35.13 -14.39 7.42
C THR B 87 34.23 -13.52 8.29
N ASN B 88 33.88 -12.33 7.82
CA ASN B 88 33.32 -11.35 8.72
C ASN B 88 32.48 -10.34 8.03
N GLN B 89 31.54 -9.81 8.80
CA GLN B 89 30.87 -8.56 8.47
C GLN B 89 31.99 -7.52 8.27
N ARG B 90 31.92 -6.85 7.14
CA ARG B 90 32.98 -5.94 6.70
C ARG B 90 32.70 -4.56 7.27
N GLU B 91 33.72 -3.71 7.25
CA GLU B 91 33.56 -2.24 7.39
C GLU B 91 33.41 -1.80 8.85
N THR B 92 32.52 -2.48 9.57
CA THR B 92 32.48 -2.47 11.03
C THR B 92 33.88 -2.36 11.58
N THR B 93 34.12 -1.31 12.38
CA THR B 93 35.48 -0.95 12.82
C THR B 93 35.62 -0.94 14.32
N VAL B 94 36.74 -1.50 14.79
CA VAL B 94 37.06 -1.57 16.20
C VAL B 94 38.35 -0.83 16.52
N ALA B 95 38.32 -0.02 17.58
CA ALA B 95 39.56 0.61 18.08
C ALA B 95 39.94 0.06 19.43
N TRP B 96 41.23 -0.23 19.54
CA TRP B 96 41.80 -0.78 20.76
C TRP B 96 43.16 -0.18 21.12
N ASP B 97 43.58 -0.45 22.36
CA ASP B 97 44.90 -0.10 22.85
C ASP B 97 45.77 -1.34 22.84
N ARG B 98 46.99 -1.14 22.38
CA ARG B 98 47.94 -2.23 22.13
C ARG B 98 48.74 -2.76 23.34
N VAL B 99 48.64 -2.10 24.50
CA VAL B 99 49.19 -2.63 25.79
C VAL B 99 48.12 -3.30 26.65
N THR B 100 46.98 -2.63 26.81
CA THR B 100 45.81 -3.24 27.50
C THR B 100 45.16 -4.41 26.70
N LYS B 101 45.17 -4.29 25.35
CA LYS B 101 44.64 -5.32 24.42
C LYS B 101 43.11 -5.38 24.51
N GLU B 102 42.51 -4.19 24.64
CA GLU B 102 41.15 -4.06 25.15
C GLU B 102 40.51 -3.01 24.27
N PRO B 103 39.21 -3.15 23.95
CA PRO B 103 38.58 -2.12 23.13
C PRO B 103 38.38 -0.78 23.85
N LEU B 104 38.74 0.29 23.15
CA LEU B 104 38.53 1.65 23.64
C LEU B 104 37.08 2.05 23.63
N CYS B 105 36.30 1.45 22.75
CA CYS B 105 34.86 1.66 22.75
C CYS B 105 34.18 0.62 21.86
N TYR B 106 32.86 0.69 21.87
CA TYR B 106 32.01 -0.15 21.05
C TYR B 106 32.23 0.18 19.57
N ALA B 107 31.95 -0.83 18.73
CA ALA B 107 32.33 -0.80 17.32
C ALA B 107 31.10 -0.44 16.51
N PRO B 108 31.13 0.74 15.87
CA PRO B 108 30.08 1.02 14.91
C PRO B 108 30.16 0.13 13.65
N VAL B 109 29.00 -0.16 13.14
CA VAL B 109 28.77 -1.31 12.32
C VAL B 109 28.53 -0.81 10.91
N TRP B 110 28.88 -1.61 9.92
CA TRP B 110 28.71 -1.17 8.52
C TRP B 110 27.54 -0.20 8.24
N ASN B 111 26.34 -0.50 8.75
CA ASN B 111 25.13 0.31 8.41
C ASN B 111 24.71 1.35 9.44
N ASP B 112 25.60 1.66 10.38
CA ASP B 112 25.46 2.81 11.26
C ASP B 112 25.49 4.13 10.43
N LEU B 113 24.66 5.09 10.85
CA LEU B 113 24.50 6.36 10.15
C LEU B 113 24.97 7.57 10.98
N ARG B 114 25.90 7.37 11.92
CA ARG B 114 26.40 8.48 12.75
C ARG B 114 27.50 9.26 12.05
N THR B 115 28.12 8.61 11.08
CA THR B 115 29.20 9.18 10.32
C THR B 115 28.66 10.14 9.25
N TYR B 116 27.33 10.29 9.14
CA TYR B 116 26.69 11.16 8.17
C TYR B 116 27.37 12.53 8.06
N ASP B 117 27.42 13.28 9.16
CA ASP B 117 27.99 14.62 9.14
C ASP B 117 29.38 14.57 8.54
N ILE B 118 30.21 13.66 9.05
CA ILE B 118 31.57 13.44 8.50
C ILE B 118 31.56 13.05 7.02
N THR B 119 30.56 12.29 6.59
CA THR B 119 30.39 12.01 5.18
C THR B 119 30.49 13.35 4.45
N LYS B 120 29.70 14.33 4.89
CA LYS B 120 29.58 15.61 4.19
C LYS B 120 30.80 16.56 4.37
N LYS B 121 31.29 16.72 5.61
CA LYS B 121 32.59 17.39 5.88
C LYS B 121 33.73 16.88 4.99
N VAL B 122 33.69 15.58 4.66
CA VAL B 122 34.69 14.95 3.82
C VAL B 122 34.47 15.32 2.35
N THR B 123 33.33 14.92 1.81
CA THR B 123 33.00 15.14 0.40
C THR B 123 33.30 16.58 -0.04
N ALA B 124 32.97 17.55 0.82
CA ALA B 124 33.22 18.97 0.55
C ALA B 124 34.71 19.35 0.70
N GLU B 125 35.24 19.29 1.92
CA GLU B 125 36.61 19.77 2.20
C GLU B 125 37.75 19.02 1.46
N LEU B 126 37.59 17.73 1.22
CA LEU B 126 38.63 16.92 0.52
C LEU B 126 38.27 16.58 -0.94
N GLY B 127 37.01 16.26 -1.21
CA GLY B 127 36.61 15.78 -2.53
C GLY B 127 36.41 16.87 -3.55
N GLY B 128 36.46 18.13 -3.10
CA GLY B 128 36.00 19.25 -3.89
C GLY B 128 34.59 18.99 -4.40
N GLY B 129 33.76 18.38 -3.56
CA GLY B 129 32.41 18.07 -3.94
C GLY B 129 32.15 16.69 -4.51
N ASP B 130 33.00 16.20 -5.42
CA ASP B 130 32.81 14.87 -6.05
C ASP B 130 32.89 13.77 -4.95
N SER B 131 31.77 13.07 -4.70
CA SER B 131 31.73 11.92 -3.76
C SER B 131 32.56 10.72 -4.27
N MET B 132 32.63 10.59 -5.59
CA MET B 132 33.37 9.53 -6.26
C MET B 132 34.80 10.03 -6.59
N PHE B 133 35.28 11.06 -5.88
CA PHE B 133 36.61 11.65 -6.18
C PHE B 133 37.69 10.60 -5.95
N ALA B 134 37.66 9.94 -4.79
CA ALA B 134 38.71 9.02 -4.41
C ALA B 134 38.45 7.64 -5.01
N SER B 135 37.38 7.49 -5.80
CA SER B 135 36.93 6.18 -6.27
C SER B 135 37.93 5.45 -7.17
N LYS B 136 38.64 6.16 -8.05
CA LYS B 136 39.65 5.50 -8.90
C LYS B 136 40.81 4.95 -8.06
N ILE B 137 41.02 5.49 -6.85
CA ILE B 137 41.97 4.90 -5.90
C ILE B 137 41.34 3.71 -5.12
N THR B 138 40.22 3.96 -4.43
CA THR B 138 39.63 3.00 -3.46
C THR B 138 38.67 1.97 -4.06
N GLY B 139 37.88 2.42 -5.03
CA GLY B 139 36.82 1.66 -5.69
C GLY B 139 35.45 2.07 -5.22
N LEU B 140 35.40 2.97 -4.25
CA LEU B 140 34.22 3.20 -3.43
C LEU B 140 33.85 4.64 -3.52
N PRO B 141 32.51 4.95 -3.46
CA PRO B 141 32.05 6.31 -3.18
C PRO B 141 32.15 6.60 -1.71
N VAL B 142 31.93 7.86 -1.37
CA VAL B 142 31.89 8.28 0.03
C VAL B 142 30.45 8.01 0.48
N SER B 143 30.36 7.16 1.52
CA SER B 143 29.12 6.77 2.18
C SER B 143 29.44 6.57 3.68
N THR B 144 28.37 6.42 4.45
CA THR B 144 28.47 6.08 5.88
C THR B 144 29.17 4.74 6.17
N TYR B 145 29.13 3.84 5.17
CA TYR B 145 29.58 2.46 5.36
C TYR B 145 31.06 2.32 5.67
N PHE B 146 31.92 3.07 5.00
CA PHE B 146 33.30 2.66 4.95
C PHE B 146 34.13 2.98 6.18
N ALA B 147 35.15 2.16 6.44
CA ALA B 147 35.76 2.15 7.75
C ALA B 147 36.36 3.52 8.13
N ALA B 148 37.16 4.11 7.24
CA ALA B 148 37.90 5.36 7.53
C ALA B 148 37.02 6.40 8.21
N PHE B 149 35.85 6.65 7.65
CA PHE B 149 34.88 7.56 8.25
C PHE B 149 34.47 7.19 9.68
N LYS B 150 34.40 5.89 9.98
CA LYS B 150 34.17 5.45 11.37
C LYS B 150 35.43 5.59 12.23
N MET B 151 36.61 5.39 11.66
CA MET B 151 37.88 5.65 12.36
C MET B 151 38.00 7.10 12.76
N ARG B 152 37.63 7.97 11.82
CA ARG B 152 37.61 9.41 11.99
C ARG B 152 36.66 9.83 13.11
N TRP B 153 35.42 9.35 13.04
CA TRP B 153 34.37 9.72 14.03
C TRP B 153 34.77 9.39 15.46
N MET B 154 35.38 8.23 15.63
CA MET B 154 35.90 7.80 16.90
C MET B 154 37.03 8.71 17.40
N LEU B 155 38.02 8.98 16.53
CA LEU B 155 39.08 9.97 16.83
C LEU B 155 38.53 11.32 17.27
N GLU B 156 37.48 11.81 16.58
CA GLU B 156 36.85 13.08 16.91
C GLU B 156 35.99 13.02 18.18
N ASN B 157 35.16 11.99 18.31
CA ASN B 157 34.11 11.98 19.34
C ASN B 157 34.29 11.04 20.51
N VAL B 158 35.44 10.35 20.61
CA VAL B 158 35.65 9.41 21.74
C VAL B 158 36.89 9.80 22.54
N PRO B 159 36.69 10.44 23.72
CA PRO B 159 37.80 10.71 24.65
C PRO B 159 38.95 9.69 24.62
N ALA B 160 38.65 8.44 24.94
CA ALA B 160 39.70 7.43 25.11
C ALA B 160 40.43 7.08 23.77
N VAL B 161 39.77 7.36 22.64
CA VAL B 161 40.37 7.15 21.31
C VAL B 161 41.31 8.31 21.03
N ALA B 162 40.77 9.54 21.08
CA ALA B 162 41.56 10.77 20.95
C ALA B 162 42.87 10.65 21.73
N ASP B 163 42.77 10.32 23.01
CA ASP B 163 43.97 10.19 23.83
C ASP B 163 44.89 9.14 23.25
N ALA B 164 44.40 7.89 23.22
CA ALA B 164 45.18 6.70 22.78
C ALA B 164 45.97 6.88 21.47
N CYS B 165 45.47 7.77 20.61
CA CYS B 165 46.16 8.18 19.39
C CYS B 165 47.45 8.94 19.76
N ARG B 166 47.28 10.09 20.42
CA ARG B 166 48.42 10.89 20.88
C ARG B 166 49.45 10.04 21.64
N ARG B 167 49.01 9.10 22.47
CA ARG B 167 49.97 8.26 23.23
C ARG B 167 50.75 7.25 22.37
N GLY B 168 50.38 7.09 21.08
CA GLY B 168 51.01 6.10 20.20
C GLY B 168 50.63 4.67 20.56
N THR B 169 49.39 4.48 21.03
CA THR B 169 48.85 3.14 21.34
C THR B 169 47.65 2.71 20.48
N LEU B 170 47.16 3.58 19.60
CA LEU B 170 45.88 3.32 18.93
C LEU B 170 46.03 2.29 17.81
N CYS B 171 45.19 1.25 17.87
CA CYS B 171 45.04 0.26 16.80
C CYS B 171 43.63 0.33 16.25
N PHE B 172 43.51 0.49 14.94
CA PHE B 172 42.24 0.37 14.28
C PHE B 172 42.22 -0.97 13.54
N GLY B 173 41.03 -1.39 13.13
CA GLY B 173 40.86 -2.76 12.63
C GLY B 173 39.44 -3.07 12.24
N THR B 174 39.29 -3.74 11.10
CA THR B 174 38.01 -4.33 10.75
C THR B 174 37.87 -5.62 11.59
N ILE B 175 36.70 -6.26 11.54
CA ILE B 175 36.48 -7.40 12.45
C ILE B 175 37.50 -8.53 12.21
N ASP B 176 37.93 -8.77 10.98
CA ASP B 176 38.96 -9.80 10.77
C ASP B 176 40.20 -9.50 11.60
N THR B 177 40.67 -8.27 11.48
CA THR B 177 41.86 -7.80 12.16
C THR B 177 41.70 -7.93 13.68
N TRP B 178 40.58 -7.45 14.20
CA TRP B 178 40.21 -7.60 15.62
C TRP B 178 40.24 -9.06 16.09
N LEU B 179 39.59 -9.95 15.33
CA LEU B 179 39.58 -11.38 15.66
C LEU B 179 40.97 -11.92 15.67
N MET B 180 41.74 -11.58 14.64
CA MET B 180 43.08 -12.17 14.50
C MET B 180 44.02 -11.63 15.58
N TYR B 181 43.83 -10.38 16.03
CA TYR B 181 44.66 -9.80 17.08
C TYR B 181 44.39 -10.57 18.37
N LYS B 182 43.14 -10.50 18.82
CA LYS B 182 42.75 -11.17 20.05
C LYS B 182 42.98 -12.67 20.00
N LEU B 183 42.70 -13.32 18.86
CA LEU B 183 42.97 -14.78 18.76
C LEU B 183 44.46 -15.13 18.92
N SER B 184 45.35 -14.23 18.49
CA SER B 184 46.81 -14.47 18.54
C SER B 184 47.50 -13.88 19.80
N GLY B 185 46.74 -13.44 20.80
CA GLY B 185 47.28 -12.91 22.06
C GLY B 185 47.79 -11.47 22.02
N GLY B 186 47.69 -10.81 20.87
CA GLY B 186 48.36 -9.56 20.62
C GLY B 186 49.49 -9.67 19.61
N LYS B 187 49.81 -10.89 19.16
CA LYS B 187 50.96 -11.13 18.25
C LYS B 187 50.82 -10.68 16.78
N ALA B 188 49.59 -10.53 16.27
CA ALA B 188 49.40 -10.24 14.84
C ALA B 188 48.44 -9.09 14.65
N PHE B 189 48.82 -8.17 13.78
CA PHE B 189 48.01 -7.02 13.49
C PHE B 189 47.97 -7.01 11.99
N VAL B 190 46.92 -7.61 11.45
CA VAL B 190 46.84 -7.88 10.01
C VAL B 190 45.42 -7.81 9.48
N THR B 191 45.35 -7.61 8.17
CA THR B 191 44.10 -7.66 7.46
C THR B 191 44.34 -8.34 6.12
N ASP B 192 43.24 -8.57 5.41
CA ASP B 192 43.30 -9.21 4.10
C ASP B 192 42.80 -8.20 3.12
N VAL B 193 43.15 -8.42 1.87
CA VAL B 193 42.83 -7.42 0.82
C VAL B 193 41.34 -7.14 0.64
N THR B 194 40.50 -8.18 0.77
CA THR B 194 39.05 -7.95 0.64
C THR B 194 38.54 -6.97 1.69
N ASN B 195 38.84 -7.26 2.96
CA ASN B 195 38.47 -6.33 4.06
C ASN B 195 39.11 -4.96 3.95
N ALA B 196 40.41 -4.97 3.63
CA ALA B 196 41.16 -3.73 3.34
C ALA B 196 40.52 -2.83 2.25
N SER B 197 39.94 -3.42 1.21
CA SER B 197 39.24 -2.62 0.16
C SER B 197 37.99 -1.93 0.59
N ARG B 198 37.60 -2.13 1.84
CA ARG B 198 36.39 -1.56 2.37
C ARG B 198 36.67 -0.36 3.26
N THR B 199 37.94 -0.15 3.56
CA THR B 199 38.36 0.87 4.51
C THR B 199 38.26 2.29 3.92
N PHE B 200 38.38 2.40 2.59
CA PHE B 200 38.54 3.68 1.90
C PHE B 200 39.93 4.27 2.18
N LEU B 201 40.87 3.41 2.55
CA LEU B 201 42.25 3.76 2.76
C LEU B 201 43.17 2.93 1.89
N MET B 202 42.62 2.09 0.99
CA MET B 202 43.44 1.15 0.23
C MET B 202 43.25 1.37 -1.25
N ASP B 203 44.39 1.39 -1.94
CA ASP B 203 44.46 1.51 -3.38
C ASP B 203 44.17 0.14 -3.99
N LEU B 204 43.03 0.04 -4.68
CA LEU B 204 42.57 -1.19 -5.30
C LEU B 204 43.61 -1.96 -6.11
N ARG B 205 44.20 -1.30 -7.12
CA ARG B 205 45.15 -1.94 -8.03
C ARG B 205 46.33 -2.49 -7.26
N THR B 206 46.96 -1.63 -6.46
CA THR B 206 48.19 -1.99 -5.77
C THR B 206 47.96 -2.87 -4.54
N ARG B 207 46.77 -2.75 -3.95
CA ARG B 207 46.43 -3.45 -2.71
C ARG B 207 47.44 -3.13 -1.63
N LYS B 208 47.71 -1.83 -1.49
CA LYS B 208 48.46 -1.33 -0.35
C LYS B 208 47.87 0.00 0.12
N TRP B 209 48.12 0.34 1.38
CA TRP B 209 47.54 1.55 1.97
C TRP B 209 47.96 2.73 1.09
N SER B 210 47.06 3.71 0.93
CA SER B 210 47.35 4.97 0.23
C SER B 210 47.76 6.05 1.22
N PRO B 211 49.06 6.41 1.27
CA PRO B 211 49.42 7.52 2.16
C PRO B 211 48.69 8.83 1.85
N GLU B 212 48.29 9.05 0.58
CA GLU B 212 47.50 10.25 0.22
C GLU B 212 46.35 10.32 1.16
N LEU B 213 45.48 9.32 1.09
CA LEU B 213 44.24 9.31 1.87
C LEU B 213 44.47 9.26 3.40
N CYS B 214 45.36 8.40 3.89
CA CYS B 214 45.60 8.30 5.33
C CYS B 214 45.95 9.67 5.92
N GLU B 215 47.02 10.30 5.42
CA GLU B 215 47.42 11.64 5.84
C GLU B 215 46.38 12.71 5.41
N LYS B 216 45.68 12.49 4.31
CA LYS B 216 44.57 13.38 3.91
C LYS B 216 43.33 13.28 4.82
N LEU B 217 43.03 12.08 5.33
CA LEU B 217 41.79 11.85 6.11
C LEU B 217 42.03 11.96 7.61
N LYS B 218 43.29 12.18 7.99
CA LYS B 218 43.72 12.39 9.38
C LYS B 218 43.65 11.05 10.11
N ILE B 219 44.44 10.11 9.56
CA ILE B 219 44.54 8.75 10.03
C ILE B 219 46.03 8.32 10.12
N PRO B 220 46.60 8.39 11.33
CA PRO B 220 47.97 7.88 11.47
C PRO B 220 48.12 6.43 11.03
N MET B 221 48.93 6.19 10.01
CA MET B 221 49.19 4.82 9.53
C MET B 221 49.83 3.88 10.54
N GLU B 222 50.30 4.42 11.67
CA GLU B 222 50.75 3.57 12.79
C GLU B 222 49.56 2.79 13.35
N THR B 223 48.35 3.36 13.20
CA THR B 223 47.08 2.70 13.60
C THR B 223 46.52 1.67 12.61
N LEU B 224 47.24 1.35 11.52
CA LEU B 224 46.76 0.45 10.48
C LEU B 224 47.53 -0.85 10.42
N PRO B 225 46.80 -1.98 10.23
CA PRO B 225 47.44 -3.28 10.14
C PRO B 225 48.14 -3.53 8.81
N GLU B 226 48.97 -4.56 8.79
CA GLU B 226 49.59 -5.05 7.57
C GLU B 226 48.55 -5.77 6.68
N ILE B 227 48.59 -5.50 5.39
CA ILE B 227 47.76 -6.17 4.39
C ILE B 227 48.42 -7.46 3.91
N ARG B 228 47.62 -8.53 3.80
CA ARG B 228 48.04 -9.75 3.14
C ARG B 228 47.01 -10.22 2.13
N SER B 229 47.27 -11.36 1.49
CA SER B 229 46.27 -12.01 0.63
C SER B 229 45.22 -12.70 1.53
N ASN B 230 44.24 -13.37 0.93
CA ASN B 230 43.25 -14.10 1.71
C ASN B 230 43.73 -15.45 2.15
N SER B 231 44.85 -15.91 1.58
CA SER B 231 45.27 -17.27 1.74
C SER B 231 46.76 -17.40 1.98
N GLU B 232 47.13 -17.39 3.26
CA GLU B 232 48.52 -17.55 3.75
C GLU B 232 48.55 -17.58 5.29
N LEU B 233 49.72 -17.83 5.89
CA LEU B 233 49.86 -17.74 7.34
C LEU B 233 49.66 -16.30 7.84
N PHE B 234 48.67 -16.10 8.72
CA PHE B 234 48.39 -14.81 9.37
C PHE B 234 48.85 -14.79 10.83
N GLY B 235 49.00 -15.96 11.45
CA GLY B 235 49.12 -16.04 12.93
C GLY B 235 48.73 -17.42 13.43
N TYR B 236 48.93 -17.69 14.72
CA TYR B 236 48.38 -18.89 15.38
C TYR B 236 47.45 -18.48 16.49
N VAL B 237 46.58 -19.41 16.87
CA VAL B 237 45.68 -19.22 17.98
C VAL B 237 46.48 -19.39 19.28
N GLU B 238 46.76 -18.27 19.94
CA GLU B 238 47.50 -18.25 21.21
C GLU B 238 46.59 -18.07 22.44
N THR B 239 45.42 -17.46 22.29
CA THR B 239 44.56 -17.14 23.43
C THR B 239 43.99 -18.38 24.05
N ASP B 240 43.35 -18.21 25.20
CA ASP B 240 42.67 -19.34 25.83
C ASP B 240 41.27 -19.03 26.38
N GLU B 241 40.61 -18.00 25.84
CA GLU B 241 39.42 -17.39 26.48
C GLU B 241 38.39 -18.36 27.07
N CYS B 242 37.95 -19.32 26.27
CA CYS B 242 36.94 -20.26 26.74
C CYS B 242 37.47 -21.66 26.54
N GLY B 243 38.70 -21.87 27.01
CA GLY B 243 39.43 -23.11 26.77
C GLY B 243 39.71 -23.39 25.30
N VAL B 244 39.72 -22.32 24.48
CA VAL B 244 39.81 -22.47 23.02
C VAL B 244 41.11 -23.15 22.61
N ALA B 245 42.24 -22.68 23.16
CA ALA B 245 43.54 -23.30 22.86
C ALA B 245 43.61 -24.77 23.29
N ALA B 246 43.05 -25.10 24.46
CA ALA B 246 43.04 -26.49 24.95
C ALA B 246 42.21 -27.41 24.08
N ALA B 247 41.05 -26.92 23.63
CA ALA B 247 40.17 -27.66 22.73
C ALA B 247 40.81 -27.91 21.36
N LEU B 248 41.56 -26.93 20.85
CA LEU B 248 42.30 -27.15 19.59
C LEU B 248 43.34 -28.21 19.75
N ASN B 249 43.91 -28.29 20.94
CA ASN B 249 44.74 -29.43 21.35
C ASN B 249 46.14 -29.45 20.72
N GLU B 250 46.32 -28.80 19.56
CA GLU B 250 47.64 -28.50 19.01
C GLU B 250 47.62 -27.05 18.59
N ARG B 251 48.80 -26.46 18.45
CA ARG B 251 48.88 -25.08 18.03
C ARG B 251 48.34 -25.00 16.62
N THR B 252 47.37 -24.10 16.40
CA THR B 252 46.58 -24.06 15.17
C THR B 252 46.75 -22.76 14.39
N PRO B 253 47.13 -22.90 13.12
CA PRO B 253 47.41 -21.72 12.30
C PRO B 253 46.14 -21.06 11.71
N ILE B 254 46.06 -19.73 11.77
CA ILE B 254 45.00 -18.97 11.12
C ILE B 254 45.56 -18.67 9.76
N MET B 255 45.10 -19.44 8.77
CA MET B 255 45.56 -19.30 7.40
C MET B 255 44.50 -18.75 6.41
N GLY B 256 43.44 -18.12 6.88
CA GLY B 256 42.38 -17.66 5.95
C GLY B 256 41.68 -16.47 6.53
N SER B 257 41.49 -15.43 5.72
CA SER B 257 40.76 -14.28 6.19
C SER B 257 40.17 -13.65 4.97
N ILE B 258 38.88 -13.34 5.01
CA ILE B 258 38.15 -12.85 3.83
C ILE B 258 36.77 -12.28 4.21
N GLY B 259 36.48 -11.06 3.80
CA GLY B 259 35.18 -10.46 4.01
C GLY B 259 34.02 -11.29 3.58
N ASP B 260 32.86 -11.07 4.21
CA ASP B 260 31.81 -12.07 4.17
C ASP B 260 31.27 -12.23 2.79
N GLN B 261 31.06 -11.13 2.07
CA GLN B 261 30.42 -11.22 0.74
C GLN B 261 31.35 -11.84 -0.29
N GLN B 262 32.64 -11.53 -0.17
CA GLN B 262 33.64 -12.15 -1.04
C GLN B 262 33.75 -13.60 -0.67
N SER B 263 33.62 -13.91 0.63
CA SER B 263 33.68 -15.31 1.07
C SER B 263 32.60 -16.19 0.45
N ALA B 264 31.45 -15.62 0.19
CA ALA B 264 30.35 -16.33 -0.42
C ALA B 264 30.58 -16.50 -1.91
N LEU B 265 31.24 -15.53 -2.54
CA LEU B 265 31.69 -15.63 -3.92
C LEU B 265 32.66 -16.80 -4.02
N PHE B 266 33.71 -16.75 -3.22
CA PHE B 266 34.68 -17.83 -3.23
C PHE B 266 34.06 -19.16 -2.89
N GLY B 267 33.14 -19.19 -1.91
CA GLY B 267 32.51 -20.42 -1.46
C GLY B 267 31.52 -21.07 -2.43
N ASN B 268 31.01 -20.25 -3.36
CA ASN B 268 30.17 -20.70 -4.45
C ASN B 268 31.01 -20.85 -5.74
N MET B 269 32.34 -20.96 -5.63
CA MET B 269 33.18 -21.33 -6.76
C MET B 269 33.10 -20.34 -7.93
N CYS B 270 32.97 -19.05 -7.64
CA CYS B 270 32.84 -18.06 -8.69
C CYS B 270 34.25 -17.57 -9.03
N PHE B 271 35.07 -18.50 -9.48
CA PHE B 271 36.52 -18.25 -9.68
C PHE B 271 36.87 -17.57 -11.00
N GLU B 272 36.02 -17.70 -12.03
CA GLU B 272 36.30 -17.15 -13.36
C GLU B 272 35.34 -16.00 -13.71
N LYS B 273 35.89 -15.01 -14.40
CA LYS B 273 35.20 -13.76 -14.74
C LYS B 273 33.86 -14.03 -15.36
N GLY B 274 32.88 -13.22 -15.00
CA GLY B 274 31.51 -13.42 -15.43
C GLY B 274 30.66 -14.18 -14.45
N GLU B 275 31.29 -14.98 -13.58
CA GLU B 275 30.55 -15.71 -12.54
C GLU B 275 30.25 -14.78 -11.39
N ALA B 276 29.02 -14.87 -10.91
CA ALA B 276 28.51 -13.95 -9.95
C ALA B 276 27.61 -14.67 -8.94
N LYS B 277 27.40 -14.01 -7.81
CA LYS B 277 26.56 -14.53 -6.78
C LYS B 277 25.69 -13.47 -6.14
N ASN B 278 24.58 -13.92 -5.59
CA ASN B 278 23.69 -13.05 -4.84
C ASN B 278 23.35 -13.68 -3.52
N THR B 279 23.52 -12.97 -2.42
CA THR B 279 23.08 -13.44 -1.13
C THR B 279 21.81 -12.72 -0.77
N TYR B 280 20.67 -13.43 -0.80
CA TYR B 280 19.38 -12.88 -0.33
C TYR B 280 19.32 -13.15 1.17
N GLY B 281 19.79 -12.22 2.00
CA GLY B 281 19.44 -12.17 3.42
C GLY B 281 18.36 -11.11 3.68
N THR B 282 18.59 -10.28 4.69
CA THR B 282 17.76 -9.08 4.97
C THR B 282 17.72 -8.17 3.73
N GLY B 283 18.90 -7.96 3.16
CA GLY B 283 19.03 -7.38 1.85
C GLY B 283 19.65 -8.38 0.90
N CYS B 284 20.25 -7.80 -0.13
CA CYS B 284 20.91 -8.52 -1.19
C CYS B 284 22.25 -7.89 -1.32
N PHE B 285 23.27 -8.71 -1.49
CA PHE B 285 24.55 -8.28 -2.08
C PHE B 285 24.76 -9.17 -3.27
N LEU B 286 24.87 -8.55 -4.44
CA LEU B 286 25.25 -9.23 -5.67
C LEU B 286 26.70 -8.93 -5.96
N LEU B 287 27.51 -9.95 -6.21
CA LEU B 287 28.89 -9.74 -6.62
C LEU B 287 29.23 -10.55 -7.86
N MET B 288 29.89 -9.89 -8.82
CA MET B 288 30.34 -10.49 -10.06
C MET B 288 31.85 -10.45 -10.12
N ASN B 289 32.44 -11.61 -10.30
CA ASN B 289 33.84 -11.74 -10.64
C ASN B 289 34.11 -11.14 -12.02
N VAL B 290 34.99 -10.18 -12.11
CA VAL B 290 35.19 -9.45 -13.40
C VAL B 290 36.60 -9.64 -13.99
N GLY B 291 37.42 -10.45 -13.33
CA GLY B 291 38.70 -10.85 -13.86
C GLY B 291 39.87 -10.27 -13.10
N GLU B 292 41.04 -10.42 -13.69
CA GLU B 292 42.30 -10.13 -13.06
C GLU B 292 42.55 -8.61 -13.07
N GLU B 293 41.66 -7.85 -13.73
CA GLU B 293 41.78 -6.41 -13.83
C GLU B 293 40.60 -5.67 -13.21
N ALA B 294 40.93 -4.68 -12.38
CA ALA B 294 39.95 -3.87 -11.70
C ALA B 294 39.04 -3.14 -12.68
N ARG B 295 37.75 -3.08 -12.35
CA ARG B 295 36.78 -2.35 -13.14
C ARG B 295 36.05 -1.38 -12.25
N PHE B 296 35.73 -0.22 -12.84
CA PHE B 296 35.13 0.93 -12.16
C PHE B 296 33.79 1.21 -12.80
N SER B 297 33.03 2.15 -12.25
CA SER B 297 31.56 2.14 -12.36
C SER B 297 30.87 3.47 -12.64
N LYS B 298 30.32 3.56 -13.84
CA LYS B 298 29.53 4.70 -14.31
C LYS B 298 28.18 4.91 -13.57
N HIS B 299 27.71 3.90 -12.82
CA HIS B 299 26.35 3.84 -12.28
C HIS B 299 26.39 3.75 -10.75
N GLY B 300 27.45 4.23 -10.11
CA GLY B 300 27.53 4.21 -8.63
C GLY B 300 27.67 2.86 -7.91
N LEU B 301 27.90 1.77 -8.64
CA LEU B 301 28.29 0.48 -8.05
C LEU B 301 29.69 0.54 -7.43
N LEU B 302 30.00 -0.49 -6.65
CA LEU B 302 31.28 -0.56 -5.96
C LEU B 302 32.19 -1.45 -6.72
N SER B 303 33.48 -1.12 -6.66
CA SER B 303 34.56 -1.93 -7.21
C SER B 303 35.35 -2.40 -6.03
N THR B 304 35.71 -3.67 -6.03
CA THR B 304 36.31 -4.25 -4.86
C THR B 304 37.12 -5.43 -5.29
N VAL B 305 37.95 -5.88 -4.36
CA VAL B 305 38.71 -7.11 -4.50
C VAL B 305 37.74 -8.30 -4.31
N GLY B 306 37.78 -9.26 -5.23
CA GLY B 306 37.02 -10.48 -5.13
C GLY B 306 37.78 -11.38 -4.20
N PHE B 307 39.01 -11.75 -4.60
CA PHE B 307 39.91 -12.57 -3.79
C PHE B 307 41.37 -12.67 -4.35
N GLN B 308 42.33 -13.04 -3.50
CA GLN B 308 43.68 -13.29 -3.87
C GLN B 308 44.16 -14.50 -3.10
N VAL B 309 44.25 -15.64 -3.76
CA VAL B 309 44.82 -16.82 -3.17
C VAL B 309 46.38 -16.72 -3.15
N GLY B 310 46.97 -16.33 -2.01
CA GLY B 310 48.42 -16.34 -1.80
C GLY B 310 49.08 -14.98 -2.04
N ARG B 311 50.18 -14.73 -1.34
CA ARG B 311 51.08 -13.59 -1.63
C ARG B 311 51.51 -13.74 -3.08
N ASP B 312 51.31 -12.72 -3.89
CA ASP B 312 51.51 -12.83 -5.34
C ASP B 312 50.94 -14.14 -5.87
N GLY B 313 49.66 -14.31 -5.60
CA GLY B 313 48.79 -15.13 -6.41
C GLY B 313 48.09 -14.08 -7.22
N PRO B 314 47.43 -14.47 -8.32
CA PRO B 314 46.68 -13.41 -9.02
C PRO B 314 45.53 -12.87 -8.15
N CYS B 315 45.24 -11.59 -8.31
CA CYS B 315 44.17 -10.96 -7.59
C CYS B 315 42.99 -10.78 -8.51
N TYR B 316 41.89 -11.46 -8.19
CA TYR B 316 40.62 -11.25 -8.87
C TYR B 316 39.82 -10.13 -8.22
N TYR B 317 39.13 -9.40 -9.06
CA TYR B 317 38.43 -8.20 -8.69
C TYR B 317 36.94 -8.45 -8.93
N ALA B 318 36.12 -7.55 -8.44
CA ALA B 318 34.69 -7.73 -8.61
C ALA B 318 33.99 -6.42 -8.54
N LEU B 319 32.80 -6.42 -9.12
CA LEU B 319 31.80 -5.39 -8.89
C LEU B 319 30.74 -5.89 -7.91
N GLU B 320 30.18 -4.94 -7.19
CA GLU B 320 29.28 -5.23 -6.10
C GLU B 320 28.13 -4.25 -6.13
N GLY B 321 26.93 -4.80 -5.94
CA GLY B 321 25.68 -4.06 -5.84
C GLY B 321 24.79 -4.68 -4.75
N ALA B 322 23.71 -3.97 -4.41
CA ALA B 322 22.93 -4.26 -3.25
C ALA B 322 21.49 -3.74 -3.35
N ILE B 323 20.55 -4.47 -2.78
CA ILE B 323 19.20 -3.95 -2.43
C ILE B 323 19.08 -3.99 -0.90
N ALA B 324 18.42 -3.01 -0.30
CA ALA B 324 18.39 -2.86 1.15
C ALA B 324 17.31 -3.75 1.79
N CYS B 325 16.13 -3.84 1.15
CA CYS B 325 15.02 -4.66 1.64
C CYS B 325 14.65 -5.85 0.72
N ALA B 326 15.25 -7.02 0.92
CA ALA B 326 14.85 -8.26 0.24
C ALA B 326 14.07 -9.16 1.18
N GLY B 327 14.76 -9.99 1.99
CA GLY B 327 14.14 -10.72 3.12
C GLY B 327 13.32 -9.84 4.06
N ALA B 328 13.77 -8.62 4.30
CA ALA B 328 13.00 -7.69 5.15
C ALA B 328 11.63 -7.37 4.57
N THR B 329 11.52 -7.31 3.25
CA THR B 329 10.23 -7.07 2.61
C THR B 329 9.24 -8.20 2.90
N VAL B 330 9.72 -9.42 2.72
CA VAL B 330 8.86 -10.60 2.89
C VAL B 330 8.42 -10.67 4.37
N GLU B 331 9.35 -10.44 5.28
CA GLU B 331 9.07 -10.47 6.68
C GLU B 331 8.13 -9.31 7.05
N TRP B 332 8.39 -8.10 6.53
CA TRP B 332 7.44 -6.97 6.67
C TRP B 332 6.01 -7.34 6.29
N MET B 333 5.82 -8.07 5.19
CA MET B 333 4.47 -8.42 4.79
C MET B 333 3.75 -9.29 5.80
N ARG B 334 4.48 -10.09 6.57
CA ARG B 334 3.79 -10.93 7.56
C ARG B 334 3.73 -10.23 8.88
N ARG B 335 4.86 -9.73 9.38
CA ARG B 335 4.91 -9.14 10.74
C ARG B 335 4.19 -7.78 10.80
N ASN B 336 4.35 -6.95 9.77
CA ASN B 336 3.73 -5.63 9.76
C ASN B 336 2.33 -5.59 9.23
N MET B 337 2.07 -6.42 8.23
CA MET B 337 0.85 -6.30 7.44
C MET B 337 -0.09 -7.48 7.52
N ASN B 338 0.33 -8.57 8.17
CA ASN B 338 -0.52 -9.74 8.33
C ASN B 338 -1.03 -10.38 7.01
N LEU B 339 -0.26 -10.27 5.94
CA LEU B 339 -0.64 -10.82 4.63
C LEU B 339 -0.49 -12.34 4.55
N PHE B 340 0.28 -12.91 5.47
CA PHE B 340 0.34 -14.36 5.65
C PHE B 340 0.94 -14.60 7.01
N SER B 341 0.98 -15.85 7.46
CA SER B 341 1.54 -16.16 8.79
C SER B 341 2.69 -17.14 8.65
N HIS B 342 2.48 -18.34 8.10
CA HIS B 342 3.59 -19.27 7.99
C HIS B 342 4.43 -18.91 6.76
N ILE B 343 5.74 -19.12 6.87
CA ILE B 343 6.74 -18.70 5.86
C ILE B 343 6.43 -19.21 4.42
N THR B 344 5.89 -20.43 4.31
CA THR B 344 5.64 -21.05 3.02
C THR B 344 4.40 -20.52 2.34
N GLU B 345 3.54 -19.81 3.06
CA GLU B 345 2.39 -19.17 2.44
C GLU B 345 2.80 -18.07 1.44
N CYS B 346 3.94 -17.39 1.66
CA CYS B 346 4.42 -16.35 0.74
C CYS B 346 4.48 -16.82 -0.73
N GLU B 347 5.34 -17.78 -1.01
CA GLU B 347 5.39 -18.42 -2.34
C GLU B 347 4.02 -19.03 -2.74
N LYS B 348 3.34 -19.66 -1.79
CA LYS B 348 2.03 -20.26 -2.08
C LYS B 348 1.05 -19.21 -2.59
N LEU B 349 0.94 -18.08 -1.88
CA LEU B 349 0.01 -16.99 -2.29
C LEU B 349 0.44 -16.38 -3.64
N ALA B 350 1.72 -16.10 -3.77
CA ALA B 350 2.20 -15.52 -5.02
C ALA B 350 1.97 -16.43 -6.26
N ARG B 351 2.02 -17.77 -6.09
CA ARG B 351 1.76 -18.72 -7.20
C ARG B 351 0.28 -18.79 -7.51
N SER B 352 -0.57 -18.64 -6.49
CA SER B 352 -2.03 -18.65 -6.68
C SER B 352 -2.55 -17.65 -7.72
N VAL B 353 -1.77 -16.66 -8.15
CA VAL B 353 -2.23 -15.78 -9.20
C VAL B 353 -1.36 -15.90 -10.44
N PRO B 354 -1.96 -15.63 -11.59
CA PRO B 354 -1.18 -15.71 -12.82
C PRO B 354 -0.12 -14.60 -12.90
N GLY B 355 -0.50 -13.35 -12.68
CA GLY B 355 0.47 -12.24 -12.56
C GLY B 355 0.03 -11.22 -11.52
N THR B 356 0.58 -10.02 -11.63
CA THR B 356 0.25 -8.91 -10.78
C THR B 356 -0.92 -8.08 -11.31
N GLN B 357 -1.24 -8.29 -12.57
CA GLN B 357 -2.41 -7.75 -13.25
C GLN B 357 -2.52 -6.28 -13.00
N GLY B 358 -1.49 -5.58 -13.41
CA GLY B 358 -1.45 -4.14 -13.33
C GLY B 358 -0.68 -3.53 -12.17
N ILE B 359 -0.63 -4.19 -11.00
CA ILE B 359 0.01 -3.49 -9.87
C ILE B 359 1.52 -3.59 -9.94
N VAL B 360 2.21 -2.56 -9.47
CA VAL B 360 3.63 -2.63 -9.12
C VAL B 360 3.86 -2.20 -7.65
N PHE B 361 4.78 -2.90 -6.98
CA PHE B 361 5.07 -2.71 -5.59
C PHE B 361 6.57 -2.46 -5.55
N VAL B 362 6.97 -1.24 -5.22
CA VAL B 362 8.41 -0.91 -5.08
C VAL B 362 8.80 -0.91 -3.60
N PRO B 363 9.47 -1.97 -3.14
CA PRO B 363 9.65 -2.05 -1.70
C PRO B 363 10.86 -1.29 -1.23
N ALA B 364 10.88 0.00 -1.52
CA ALA B 364 12.00 0.86 -1.22
C ALA B 364 11.82 1.49 0.16
N PHE B 365 11.70 0.66 1.19
CA PHE B 365 11.31 1.16 2.50
C PHE B 365 12.37 2.07 3.11
N SER B 366 13.61 1.91 2.70
CA SER B 366 14.71 2.78 3.15
C SER B 366 15.56 3.21 1.96
N GLY B 367 14.89 3.54 0.85
CA GLY B 367 15.52 4.08 -0.32
C GLY B 367 15.99 3.04 -1.31
N LEU B 368 16.16 3.47 -2.57
CA LEU B 368 16.78 2.72 -3.66
C LEU B 368 18.26 2.94 -3.57
N LEU B 369 19.05 1.87 -3.74
CA LEU B 369 20.54 1.93 -3.72
C LEU B 369 21.02 1.74 -5.14
N ALA B 370 22.06 0.92 -5.30
CA ALA B 370 22.20 0.11 -6.50
C ALA B 370 22.49 1.16 -7.59
N PRO B 371 21.96 0.99 -8.84
CA PRO B 371 22.27 2.02 -9.84
C PRO B 371 21.29 3.21 -9.91
N TYR B 372 20.36 3.33 -8.97
CA TYR B 372 19.50 4.53 -8.87
C TYR B 372 19.52 5.00 -7.42
N TRP B 373 20.65 5.58 -7.02
CA TRP B 373 20.88 5.87 -5.61
C TRP B 373 19.97 7.01 -5.19
N ASP B 374 18.89 6.68 -4.49
CA ASP B 374 17.86 7.67 -4.14
C ASP B 374 17.33 7.40 -2.73
N PRO B 375 17.85 8.15 -1.73
CA PRO B 375 17.33 8.01 -0.37
C PRO B 375 15.95 8.58 -0.16
N SER B 376 15.41 9.39 -1.10
CA SER B 376 14.06 9.92 -0.91
C SER B 376 12.98 8.89 -1.23
N ALA B 377 13.33 7.83 -1.95
CA ALA B 377 12.34 6.81 -2.33
C ALA B 377 11.88 6.02 -1.13
N ARG B 378 10.58 5.74 -1.08
CA ARG B 378 9.89 5.04 0.02
C ARG B 378 9.06 3.83 -0.54
N GLY B 379 8.41 3.08 0.33
CA GLY B 379 7.66 1.90 -0.09
C GLY B 379 6.41 2.33 -0.81
N THR B 380 6.23 1.77 -2.01
CA THR B 380 5.12 2.24 -2.86
C THR B 380 4.42 1.19 -3.72
N ILE B 381 3.09 1.33 -3.77
CA ILE B 381 2.22 0.44 -4.57
C ILE B 381 1.32 1.30 -5.44
N VAL B 382 1.17 0.90 -6.69
CA VAL B 382 0.36 1.64 -7.67
C VAL B 382 -0.44 0.64 -8.48
N GLY B 383 -1.52 1.11 -9.07
CA GLY B 383 -2.32 0.31 -9.98
C GLY B 383 -3.35 -0.56 -9.28
N MET B 384 -3.65 -0.35 -8.02
CA MET B 384 -4.60 -1.24 -7.36
C MET B 384 -6.02 -0.94 -7.84
N THR B 385 -6.82 -1.99 -7.97
CA THR B 385 -8.25 -1.91 -8.14
C THR B 385 -8.85 -2.81 -7.08
N LEU B 386 -10.18 -2.86 -7.05
CA LEU B 386 -10.89 -3.70 -6.11
C LEU B 386 -10.68 -5.19 -6.34
N LYS B 387 -10.15 -5.54 -7.49
CA LYS B 387 -9.76 -6.92 -7.77
C LYS B 387 -8.41 -7.34 -7.14
N THR B 388 -7.54 -6.37 -6.85
CA THR B 388 -6.25 -6.65 -6.22
C THR B 388 -6.34 -7.31 -4.85
N THR B 389 -5.51 -8.32 -4.63
CA THR B 389 -5.48 -9.06 -3.39
C THR B 389 -4.06 -9.16 -2.88
N ARG B 390 -3.97 -9.63 -1.64
CA ARG B 390 -2.70 -9.85 -0.97
C ARG B 390 -1.81 -10.73 -1.80
N ALA B 391 -2.41 -11.68 -2.52
CA ALA B 391 -1.68 -12.55 -3.44
C ALA B 391 -0.93 -11.77 -4.53
N HIS B 392 -1.60 -10.74 -5.08
CA HIS B 392 -0.97 -9.93 -6.12
C HIS B 392 0.10 -9.10 -5.51
N VAL B 393 -0.16 -8.57 -4.31
CA VAL B 393 0.85 -7.73 -3.63
C VAL B 393 2.12 -8.51 -3.33
N ILE B 394 1.97 -9.77 -2.90
CA ILE B 394 3.13 -10.64 -2.55
C ILE B 394 3.93 -11.00 -3.79
N ARG B 395 3.26 -11.54 -4.80
CA ARG B 395 3.89 -11.71 -6.08
C ARG B 395 4.65 -10.45 -6.55
N ALA B 396 4.02 -9.29 -6.42
CA ALA B 396 4.59 -8.01 -6.85
C ALA B 396 5.89 -7.67 -6.10
N ALA B 397 5.92 -7.96 -4.82
CA ALA B 397 7.13 -7.85 -4.03
C ALA B 397 8.30 -8.69 -4.58
N LEU B 398 7.99 -9.91 -4.96
CA LEU B 398 9.00 -10.83 -5.48
C LEU B 398 9.51 -10.40 -6.85
N GLN B 399 8.58 -10.04 -7.74
CA GLN B 399 8.93 -9.43 -9.03
C GLN B 399 9.86 -8.26 -8.84
N ALA B 400 9.57 -7.43 -7.83
CA ALA B 400 10.30 -6.20 -7.60
C ALA B 400 11.75 -6.45 -7.16
N ILE B 401 11.95 -7.46 -6.32
CA ILE B 401 13.30 -7.83 -5.89
C ILE B 401 14.10 -8.21 -7.17
N ALA B 402 13.51 -9.12 -7.94
CA ALA B 402 14.08 -9.56 -9.20
C ALA B 402 14.36 -8.40 -10.13
N LEU B 403 13.40 -7.49 -10.24
CA LEU B 403 13.59 -6.33 -11.09
C LEU B 403 14.72 -5.45 -10.63
N GLN B 404 14.95 -5.36 -9.31
CA GLN B 404 16.09 -4.56 -8.85
C GLN B 404 17.39 -5.23 -9.26
N LEU B 405 17.48 -6.56 -9.11
CA LEU B 405 18.71 -7.30 -9.45
C LEU B 405 18.95 -7.24 -10.93
N ASN B 406 17.89 -7.36 -11.70
CA ASN B 406 17.97 -7.11 -13.12
C ASN B 406 18.67 -5.80 -13.52
N ASP B 407 18.24 -4.70 -12.92
CA ASP B 407 18.83 -3.39 -13.19
C ASP B 407 20.27 -3.30 -12.67
N VAL B 408 20.56 -4.03 -11.59
CA VAL B 408 21.90 -4.05 -11.03
C VAL B 408 22.87 -4.76 -11.99
N VAL B 409 22.43 -5.91 -12.48
CA VAL B 409 23.19 -6.72 -13.40
C VAL B 409 23.39 -5.99 -14.72
N GLY B 410 22.31 -5.40 -15.27
CA GLY B 410 22.40 -4.54 -16.44
C GLY B 410 23.57 -3.57 -16.30
N SER B 411 23.60 -2.86 -15.18
CA SER B 411 24.70 -1.97 -14.85
C SER B 411 26.05 -2.65 -14.80
N MET B 412 26.17 -3.79 -14.14
CA MET B 412 27.47 -4.46 -14.06
C MET B 412 28.01 -4.94 -15.41
N LYS B 413 27.12 -5.41 -16.29
CA LYS B 413 27.52 -5.83 -17.62
C LYS B 413 28.21 -4.69 -18.43
N ARG B 414 27.63 -3.48 -18.37
CA ARG B 414 28.16 -2.28 -19.05
C ARG B 414 29.45 -1.72 -18.39
N ASP B 415 29.51 -1.77 -17.07
CA ASP B 415 30.71 -1.36 -16.32
C ASP B 415 31.82 -2.37 -16.37
N ALA B 416 31.49 -3.63 -16.60
CA ALA B 416 32.49 -4.67 -16.66
C ALA B 416 32.84 -5.06 -18.08
N GLY B 417 31.94 -4.81 -19.03
CA GLY B 417 32.06 -5.37 -20.37
C GLY B 417 32.06 -6.89 -20.43
N LEU B 418 31.31 -7.58 -19.56
CA LEU B 418 31.08 -9.03 -19.75
C LEU B 418 29.62 -9.37 -19.61
N ASN B 419 29.30 -10.58 -19.97
CA ASN B 419 28.02 -11.15 -19.63
C ASN B 419 28.20 -11.90 -18.34
N LEU B 420 27.10 -11.97 -17.60
CA LEU B 420 26.93 -12.89 -16.50
C LEU B 420 26.78 -14.26 -17.15
N SER B 421 27.64 -15.22 -16.79
CA SER B 421 27.54 -16.55 -17.33
C SER B 421 26.50 -17.35 -16.55
N SER B 422 26.57 -17.25 -15.22
CA SER B 422 25.59 -17.89 -14.35
C SER B 422 25.50 -17.11 -13.06
N LEU B 423 24.42 -17.37 -12.32
CA LEU B 423 24.17 -16.73 -11.05
C LEU B 423 23.98 -17.76 -9.94
N ARG B 424 24.95 -17.80 -9.01
CA ARG B 424 24.77 -18.60 -7.79
C ARG B 424 24.03 -17.76 -6.75
N VAL B 425 23.10 -18.39 -6.07
CA VAL B 425 22.24 -17.72 -5.12
C VAL B 425 22.20 -18.49 -3.82
N ASP B 426 22.30 -17.75 -2.71
CA ASP B 426 22.29 -18.31 -1.36
C ASP B 426 21.39 -17.38 -0.53
N GLY B 427 21.07 -17.80 0.69
CA GLY B 427 20.27 -17.04 1.66
C GLY B 427 18.86 -17.60 1.87
N GLY B 428 18.13 -17.06 2.86
CA GLY B 428 16.73 -17.46 3.15
C GLY B 428 15.84 -17.52 1.91
N LEU B 429 15.82 -16.42 1.14
CA LEU B 429 14.97 -16.30 -0.07
C LEU B 429 15.48 -17.10 -1.29
N SER B 430 16.69 -17.62 -1.19
CA SER B 430 17.18 -18.69 -2.06
C SER B 430 16.15 -19.84 -2.18
N LYS B 431 15.51 -20.16 -1.05
CA LYS B 431 14.54 -21.24 -0.95
C LYS B 431 13.14 -20.92 -1.51
N ASN B 432 12.91 -19.70 -2.03
CA ASN B 432 11.64 -19.33 -2.70
C ASN B 432 11.69 -19.66 -4.23
N GLY B 433 11.11 -20.80 -4.58
CA GLY B 433 11.13 -21.32 -5.95
C GLY B 433 10.70 -20.33 -7.00
N LEU B 434 9.58 -19.64 -6.77
CA LEU B 434 9.03 -18.68 -7.75
C LEU B 434 9.96 -17.49 -7.97
N LEU B 435 10.50 -16.99 -6.86
CA LEU B 435 11.48 -15.92 -6.95
C LEU B 435 12.70 -16.26 -7.82
N MET B 436 13.25 -17.47 -7.68
CA MET B 436 14.41 -17.89 -8.50
C MET B 436 14.02 -18.05 -9.99
N GLU B 437 12.82 -18.57 -10.26
CA GLU B 437 12.25 -18.55 -11.61
C GLU B 437 12.08 -17.16 -12.23
N ILE B 438 11.44 -16.24 -11.50
CA ILE B 438 11.30 -14.87 -12.04
C ILE B 438 12.71 -14.31 -12.23
N GLN B 439 13.62 -14.61 -11.29
CA GLN B 439 14.95 -14.07 -11.39
C GLN B 439 15.62 -14.61 -12.66
N ALA B 440 15.55 -15.91 -12.89
CA ALA B 440 16.18 -16.52 -14.07
C ALA B 440 15.63 -15.96 -15.38
N SER B 441 14.32 -15.85 -15.48
CA SER B 441 13.69 -15.27 -16.68
C SER B 441 14.19 -13.88 -17.00
N LEU B 442 14.31 -13.03 -15.99
CA LEU B 442 14.71 -11.66 -16.22
C LEU B 442 16.15 -11.52 -16.62
N LEU B 443 17.03 -12.24 -15.94
CA LEU B 443 18.45 -12.13 -16.26
C LEU B 443 18.78 -12.93 -17.48
N GLY B 444 18.02 -14.00 -17.66
CA GLY B 444 18.25 -14.95 -18.73
C GLY B 444 19.58 -15.64 -18.50
N VAL B 445 19.76 -16.19 -17.30
CA VAL B 445 20.84 -17.15 -17.03
C VAL B 445 20.30 -18.11 -16.01
N ASP B 446 21.02 -19.18 -15.83
CA ASP B 446 20.70 -20.16 -14.84
C ASP B 446 21.08 -19.62 -13.46
N ILE B 447 20.26 -20.00 -12.52
CA ILE B 447 20.43 -19.71 -11.16
C ILE B 447 20.67 -21.06 -10.53
N LEU B 448 21.86 -21.20 -9.94
CA LEU B 448 22.27 -22.41 -9.22
C LEU B 448 22.01 -22.21 -7.74
N VAL B 449 21.35 -23.17 -7.11
CA VAL B 449 20.99 -23.07 -5.73
C VAL B 449 21.70 -24.19 -4.98
N PRO B 450 22.68 -23.84 -4.11
CA PRO B 450 23.44 -24.88 -3.43
C PRO B 450 22.60 -25.48 -2.32
N SER B 451 22.60 -26.80 -2.22
CA SER B 451 21.97 -27.46 -1.09
C SER B 451 22.93 -27.57 0.13
N MET B 452 24.25 -27.46 -0.07
CA MET B 452 25.13 -27.15 1.06
C MET B 452 25.03 -25.63 1.17
N HIS B 453 24.21 -25.16 2.11
CA HIS B 453 23.83 -23.75 2.10
C HIS B 453 24.93 -22.85 2.70
N GLU B 454 25.72 -23.42 3.63
CA GLU B 454 26.84 -22.82 4.36
C GLU B 454 28.06 -22.24 3.56
N THR B 455 27.79 -21.56 2.47
CA THR B 455 28.78 -21.24 1.48
C THR B 455 29.63 -20.03 1.86
N THR B 456 29.09 -19.14 2.66
CA THR B 456 29.87 -18.07 3.24
C THR B 456 30.96 -18.58 4.17
N ALA B 457 30.62 -19.49 5.09
CA ALA B 457 31.64 -20.06 5.95
C ALA B 457 32.67 -20.92 5.17
N LEU B 458 32.18 -21.59 4.11
CA LEU B 458 33.02 -22.36 3.23
C LEU B 458 34.13 -21.52 2.58
N GLY B 459 33.81 -20.34 2.06
CA GLY B 459 34.84 -19.50 1.46
C GLY B 459 36.10 -19.40 2.33
N ALA B 460 35.93 -19.09 3.61
CA ALA B 460 37.06 -18.89 4.50
C ALA B 460 37.83 -20.18 4.71
N ALA B 461 37.10 -21.26 4.89
CA ALA B 461 37.69 -22.57 5.06
C ALA B 461 38.48 -22.99 3.80
N LEU B 462 37.98 -22.68 2.62
CA LEU B 462 38.75 -22.95 1.38
C LEU B 462 40.09 -22.17 1.39
N CYS B 463 40.05 -20.88 1.69
CA CYS B 463 41.33 -20.11 1.79
C CYS B 463 42.31 -20.70 2.77
N ALA B 464 41.82 -20.99 3.97
CA ALA B 464 42.58 -21.74 4.96
C ALA B 464 43.10 -23.10 4.45
N GLY B 465 42.25 -23.89 3.82
CA GLY B 465 42.64 -25.21 3.35
C GLY B 465 43.60 -25.24 2.16
N LEU B 466 43.38 -24.32 1.23
CA LEU B 466 44.30 -24.13 0.13
C LEU B 466 45.69 -23.82 0.71
N ALA B 467 45.79 -22.91 1.68
CA ALA B 467 47.09 -22.55 2.27
C ALA B 467 47.69 -23.65 3.12
N ALA B 468 46.88 -24.52 3.72
CA ALA B 468 47.42 -25.66 4.50
C ALA B 468 47.52 -26.99 3.71
N GLY B 469 47.24 -26.94 2.42
CA GLY B 469 47.32 -28.12 1.58
C GLY B 469 46.38 -29.26 1.93
N VAL B 470 45.15 -28.94 2.34
CA VAL B 470 44.09 -29.94 2.42
C VAL B 470 43.48 -30.13 1.01
N TRP B 471 43.32 -29.01 0.30
CA TRP B 471 43.02 -28.94 -1.14
C TRP B 471 44.26 -28.27 -1.78
N THR B 472 44.61 -28.74 -3.00
CA THR B 472 45.90 -28.41 -3.68
C THR B 472 45.70 -27.32 -4.74
N SER B 473 44.54 -27.34 -5.40
CA SER B 473 44.17 -26.37 -6.45
C SER B 473 42.67 -25.99 -6.43
N LEU B 474 42.36 -24.87 -7.05
CA LEU B 474 40.97 -24.54 -7.37
C LEU B 474 40.20 -25.64 -8.11
N GLU B 475 40.87 -26.38 -9.01
CA GLU B 475 40.18 -27.50 -9.69
C GLU B 475 39.93 -28.67 -8.75
N GLU B 476 40.86 -28.98 -7.84
CA GLU B 476 40.58 -29.99 -6.81
C GLU B 476 39.39 -29.47 -6.00
N VAL B 477 39.43 -28.19 -5.62
CA VAL B 477 38.31 -27.57 -4.89
C VAL B 477 36.99 -27.76 -5.68
N LYS B 478 36.93 -27.35 -6.96
CA LYS B 478 35.70 -27.47 -7.76
C LYS B 478 35.23 -28.92 -7.89
N ALA B 479 36.19 -29.84 -8.06
CA ALA B 479 35.90 -31.26 -8.28
C ALA B 479 35.25 -31.88 -7.03
N VAL B 480 35.83 -31.60 -5.85
CA VAL B 480 35.25 -32.13 -4.59
C VAL B 480 33.82 -31.54 -4.41
N SER B 481 33.66 -30.25 -4.63
CA SER B 481 32.36 -29.60 -4.62
C SER B 481 31.32 -30.35 -5.50
N ARG B 482 31.67 -30.64 -6.76
CA ARG B 482 30.78 -31.40 -7.66
C ARG B 482 30.49 -32.85 -7.22
N ARG B 483 31.48 -33.61 -6.69
CA ARG B 483 31.23 -34.99 -6.19
C ARG B 483 30.27 -34.89 -5.04
N GLU B 484 30.49 -33.90 -4.17
CA GLU B 484 30.00 -33.99 -2.81
C GLU B 484 28.78 -33.15 -2.46
N ASN B 485 28.51 -32.08 -3.19
CA ASN B 485 27.53 -31.10 -2.76
C ASN B 485 26.64 -30.73 -3.89
N SER B 486 25.40 -31.17 -3.80
CA SER B 486 24.47 -31.07 -4.89
C SER B 486 23.88 -29.65 -5.02
N TRP B 487 23.22 -29.37 -6.16
CA TRP B 487 22.53 -28.10 -6.40
C TRP B 487 21.35 -28.22 -7.38
N LYS B 488 20.26 -27.52 -7.07
CA LYS B 488 19.10 -27.39 -7.94
C LYS B 488 19.56 -26.36 -8.95
N THR B 489 19.06 -26.46 -10.17
CA THR B 489 19.36 -25.50 -11.24
C THR B 489 18.02 -24.94 -11.70
N VAL B 490 17.94 -23.64 -11.93
CA VAL B 490 16.69 -23.00 -12.28
C VAL B 490 16.97 -22.28 -13.54
N SER B 491 16.42 -22.79 -14.64
CA SER B 491 16.67 -22.22 -15.98
C SER B 491 15.67 -21.14 -16.26
N PRO B 492 16.05 -20.17 -17.11
CA PRO B 492 15.11 -19.16 -17.54
C PRO B 492 14.04 -19.76 -18.41
N SER B 493 12.94 -19.02 -18.51
CA SER B 493 11.80 -19.42 -19.33
C SER B 493 10.81 -18.27 -19.56
N GLY B 494 11.33 -17.08 -19.84
CA GLY B 494 10.49 -15.91 -20.14
C GLY B 494 10.14 -15.79 -21.62
N SER B 495 10.19 -14.56 -22.13
CA SER B 495 10.01 -14.26 -23.54
C SER B 495 10.27 -12.78 -23.71
N ALA B 496 11.19 -12.44 -24.62
CA ALA B 496 11.57 -11.06 -24.90
C ALA B 496 10.46 -10.00 -24.69
N MET B 497 9.23 -10.26 -25.16
CA MET B 497 8.10 -9.33 -25.02
C MET B 497 7.56 -9.13 -23.58
N GLU B 498 7.46 -10.21 -22.80
CA GLU B 498 6.97 -10.14 -21.40
C GLU B 498 7.90 -9.31 -20.52
N ARG B 499 9.19 -9.64 -20.63
CA ARG B 499 10.26 -8.98 -19.92
C ARG B 499 10.12 -7.50 -20.16
N GLU B 500 10.04 -7.09 -21.42
CA GLU B 500 9.88 -5.67 -21.79
C GLU B 500 8.66 -4.99 -21.15
N ALA B 501 7.53 -5.70 -21.09
CA ALA B 501 6.34 -5.18 -20.43
C ALA B 501 6.63 -4.98 -18.94
N MET B 502 7.17 -6.02 -18.29
CA MET B 502 7.50 -5.98 -16.87
C MET B 502 8.47 -4.81 -16.55
N ILE B 503 9.52 -4.67 -17.35
CA ILE B 503 10.50 -3.59 -17.12
C ILE B 503 9.93 -2.18 -17.41
N ALA B 504 9.13 -2.05 -18.47
CA ALA B 504 8.52 -0.77 -18.85
C ALA B 504 7.59 -0.32 -17.75
N GLU B 505 6.74 -1.24 -17.33
CA GLU B 505 5.85 -1.05 -16.18
C GLU B 505 6.62 -0.71 -14.87
N TRP B 506 7.67 -1.48 -14.60
CA TRP B 506 8.57 -1.23 -13.48
C TRP B 506 9.17 0.20 -13.54
N ARG B 507 9.69 0.57 -14.72
CA ARG B 507 10.35 1.89 -14.92
C ARG B 507 9.42 3.08 -14.59
N GLU B 508 8.14 2.98 -15.00
CA GLU B 508 7.11 3.97 -14.66
C GLU B 508 6.82 4.05 -13.15
N ALA B 509 6.78 2.88 -12.52
CA ALA B 509 6.54 2.83 -11.08
C ALA B 509 7.63 3.58 -10.32
N LEU B 510 8.89 3.37 -10.70
CA LEU B 510 10.01 4.00 -10.01
C LEU B 510 9.86 5.53 -9.95
N LYS B 511 9.27 6.14 -10.97
CA LYS B 511 9.06 7.61 -11.01
C LYS B 511 8.10 8.11 -9.91
N ARG B 512 7.26 7.22 -9.39
CA ARG B 512 6.25 7.59 -8.42
C ARG B 512 6.68 7.31 -6.99
N THR B 513 7.95 6.85 -6.79
CA THR B 513 8.45 6.43 -5.46
C THR B 513 9.06 7.50 -4.58
N LYS B 514 9.44 8.63 -5.16
CA LYS B 514 10.15 9.70 -4.42
C LYS B 514 9.20 10.35 -3.47
N TRP B 515 9.66 10.49 -2.23
CA TRP B 515 8.77 10.88 -1.18
C TRP B 515 9.43 11.61 0.00
N ALA B 516 10.48 11.06 0.61
CA ALA B 516 11.11 11.71 1.79
C ALA B 516 11.90 13.00 1.49
N LYS B 517 11.51 14.10 2.15
CA LYS B 517 12.17 15.46 2.07
C LYS B 517 12.42 16.04 0.66
PB ADP C . -24.77 2.07 1.25
O1B ADP C . -23.64 2.63 0.38
O2B ADP C . -25.32 3.12 2.20
O3B ADP C . -25.78 1.39 0.36
PA ADP C . -23.99 0.83 3.85
O1A ADP C . -24.31 2.16 4.53
O2A ADP C . -24.48 -0.45 4.49
O3A ADP C . -24.24 0.85 2.23
O5' ADP C . -22.41 0.67 3.91
C5' ADP C . -21.81 0.57 5.17
C4' ADP C . -20.34 0.35 4.94
O4' ADP C . -19.70 0.67 6.17
C3' ADP C . -19.99 -1.08 4.57
O3' ADP C . -19.30 -1.07 3.31
C2' ADP C . -19.15 -1.61 5.73
O2' ADP C . -17.83 -1.95 5.33
C1' ADP C . -19.04 -0.45 6.72
N9 ADP C . -19.62 -0.69 8.07
C8 ADP C . -20.83 -1.21 8.39
N7 ADP C . -21.01 -1.25 9.76
C5 ADP C . -19.90 -0.70 10.31
C6 ADP C . -19.39 -0.40 11.66
N6 ADP C . -20.14 -0.69 12.75
N1 ADP C . -18.17 0.18 11.78
C2 ADP C . -17.39 0.49 10.74
N3 ADP C . -17.78 0.25 9.48
C4 ADP C . -18.99 -0.33 9.20
C1 GOL D . -27.51 6.43 -5.38
O1 GOL D . -28.28 6.09 -4.18
C2 GOL D . -28.26 7.04 -6.59
O2 GOL D . -29.60 7.45 -6.21
C3 GOL D . -27.66 8.33 -7.16
O3 GOL D . -26.69 8.32 -8.21
PB ADP E . 26.54 -38.20 8.07
O1B ADP E . 26.90 -38.14 6.60
O2B ADP E . 26.28 -39.59 8.65
O3B ADP E . 25.48 -37.18 8.48
PA ADP E . 28.31 -36.19 8.95
O1A ADP E . 28.43 -35.60 7.56
O2A ADP E . 27.46 -35.53 10.02
O3A ADP E . 27.89 -37.72 8.80
O5' ADP E . 29.78 -36.39 9.51
C5' ADP E . 30.06 -36.84 10.85
C4' ADP E . 31.46 -37.48 10.92
O4' ADP E . 31.54 -38.55 9.99
C3' ADP E . 32.55 -36.51 10.48
O3' ADP E . 33.76 -36.80 11.17
C2' ADP E . 32.75 -36.74 9.00
O2' ADP E . 34.05 -36.40 8.51
C1' ADP E . 32.54 -38.25 9.00
N9 ADP E . 32.22 -38.70 7.63
C8 ADP E . 31.01 -38.68 7.03
N7 ADP E . 31.10 -39.20 5.78
C5 ADP E . 32.37 -39.59 5.61
C6 ADP E . 33.14 -40.21 4.51
N6 ADP E . 32.50 -40.52 3.35
N1 ADP E . 34.46 -40.46 4.73
C2 ADP E . 35.08 -40.15 5.91
N3 ADP E . 34.44 -39.57 6.95
C4 ADP E . 33.11 -39.26 6.83
C1 GOL F . 27.10 -7.27 5.10
O1 GOL F . 27.23 -8.62 5.58
C2 GOL F . 28.38 -6.42 5.28
O2 GOL F . 29.48 -7.18 4.77
C3 GOL F . 28.23 -5.02 4.63
O3 GOL F . 29.10 -4.72 3.50
C1 GOL G . 23.97 -11.62 9.81
O1 GOL G . 24.30 -11.37 8.45
C2 GOL G . 23.63 -13.09 9.97
O2 GOL G . 24.29 -13.46 11.16
C3 GOL G . 22.10 -13.23 10.00
O3 GOL G . 21.59 -14.54 10.25
#